data_8B32
#
_entry.id   8B32
#
_cell.length_a   77.805
_cell.length_b   98.963
_cell.length_c   138.110
_cell.angle_alpha   90.000
_cell.angle_beta   90.000
_cell.angle_gamma   90.000
#
_symmetry.space_group_name_H-M   'P 21 21 21'
#
loop_
_entity.id
_entity.type
_entity.pdbx_description
1 polymer 'Chalcone synthase 2'
2 non-polymer 'COENZYME A'
3 water water
#
_entity_poly.entity_id   1
_entity_poly.type   'polypeptide(L)'
_entity_poly.pdbx_seq_one_letter_code
;MGSSHHHHHHSQDPNSSSMAAVRLKEVRMAQRAEGLATVLAIGTAVPANCVYQATYPDYYFRVTKSEHLADLKEKFQRMC
DKSMIRKRHMHLTEEILIKNPKICAHMETSLDARHAIALVEVPKLGQGAAEKAIKEWGQPLSKITHLVFCTTSGVDMPGA
DYQLTKLLGLSPTVKRLMMYQQGCFGGATVLRLAKDIAENNRGARVLVVCSEITAMAFRGPCKSHLDSLVGHALFGDGAA
AAIIGADPDQLDEQPVFQLVSASQTILPESEGAIDGHLTEAGLTIHLLKDVPGLISENIEQALEDAFEPLGIHNWNSIFW
IAHPGGPAILDRVEDRVGLDKKRMRASREVLSEYGNMSSASVLFVLDVMRKSSAKDGLATTGEGKDWGVLFGFGPGLTVE
TLVLHSVPVPVPTAASA
;
_entity_poly.pdbx_strand_id   A,B
#
loop_
_chem_comp.id
_chem_comp.type
_chem_comp.name
_chem_comp.formula
COA non-polymer 'COENZYME A' 'C21 H36 N7 O16 P3 S'
#
# COMPACT_ATOMS: atom_id res chain seq x y z
N ARG A 28 -5.56 -1.50 27.05
CA ARG A 28 -4.51 -0.71 26.30
C ARG A 28 -3.11 -0.92 26.95
N MET A 29 -2.94 -0.68 28.26
CA MET A 29 -1.58 -0.42 28.84
C MET A 29 -0.69 -1.69 28.78
N ALA A 30 -1.25 -2.90 28.84
CA ALA A 30 -0.47 -4.18 28.80
C ALA A 30 -0.65 -4.89 27.46
N GLN A 31 -1.54 -4.40 26.57
CA GLN A 31 -1.70 -4.79 25.15
C GLN A 31 -0.46 -4.32 24.34
N ARG A 32 0.34 -3.39 24.86
CA ARG A 32 1.45 -2.73 24.09
C ARG A 32 2.82 -3.28 24.52
N ALA A 33 3.82 -3.19 23.64
CA ALA A 33 5.20 -3.61 23.95
C ALA A 33 5.89 -2.52 24.76
N GLU A 34 7.06 -2.81 25.35
CA GLU A 34 7.77 -1.84 26.24
C GLU A 34 8.90 -1.12 25.48
N GLY A 35 9.76 -1.88 24.79
CA GLY A 35 11.03 -1.36 24.26
C GLY A 35 10.90 -0.91 22.82
N LEU A 36 12.01 -0.63 22.17
CA LEU A 36 12.09 -0.21 20.75
C LEU A 36 11.90 -1.39 19.81
N ALA A 37 11.31 -1.13 18.65
CA ALA A 37 11.32 -2.12 17.58
C ALA A 37 12.77 -2.41 17.18
N THR A 38 13.06 -3.69 17.02
CA THR A 38 14.41 -4.22 16.75
C THR A 38 14.39 -5.13 15.54
N VAL A 39 15.38 -5.00 14.68
CA VAL A 39 15.63 -5.96 13.56
C VAL A 39 16.26 -7.20 14.22
N LEU A 40 15.66 -8.36 14.03
CA LEU A 40 16.07 -9.62 14.71
C LEU A 40 16.71 -10.53 13.68
N ALA A 41 16.53 -10.27 12.37
CA ALA A 41 17.05 -11.16 11.33
C ALA A 41 16.88 -10.44 9.99
N ILE A 42 17.77 -10.71 9.07
CA ILE A 42 17.71 -10.16 7.67
C ILE A 42 18.06 -11.29 6.73
N GLY A 43 17.36 -11.39 5.62
CA GLY A 43 17.69 -12.37 4.59
C GLY A 43 17.47 -11.76 3.22
N THR A 44 18.18 -12.26 2.24
CA THR A 44 18.13 -11.69 0.86
C THR A 44 18.09 -12.80 -0.16
N ALA A 45 17.61 -12.47 -1.36
CA ALA A 45 17.57 -13.43 -2.47
C ALA A 45 17.65 -12.63 -3.76
N VAL A 46 18.27 -13.21 -4.77
CA VAL A 46 18.31 -12.61 -6.12
C VAL A 46 18.06 -13.70 -7.13
N PRO A 47 17.57 -13.36 -8.31
CA PRO A 47 17.49 -14.33 -9.40
C PRO A 47 18.89 -14.87 -9.69
N ALA A 48 18.97 -16.17 -10.00
CA ALA A 48 20.29 -16.80 -10.32
C ALA A 48 20.92 -16.14 -11.55
N ASN A 49 20.14 -15.72 -12.55
CA ASN A 49 20.67 -15.12 -13.79
C ASN A 49 21.39 -13.78 -13.50
N CYS A 50 22.66 -13.72 -13.86
CA CYS A 50 23.63 -12.65 -13.53
C CYS A 50 24.04 -11.93 -14.82
N VAL A 51 23.84 -10.62 -14.95
CA VAL A 51 24.29 -9.86 -16.16
C VAL A 51 25.43 -8.91 -15.76
N TYR A 52 26.59 -9.10 -16.35
CA TYR A 52 27.78 -8.26 -16.07
C TYR A 52 27.63 -6.94 -16.80
N GLN A 53 27.99 -5.84 -16.13
CA GLN A 53 27.80 -4.48 -16.65
C GLN A 53 28.74 -4.24 -17.85
N ALA A 54 29.96 -4.78 -17.81
CA ALA A 54 31.02 -4.53 -18.81
C ALA A 54 30.47 -4.85 -20.21
N THR A 55 29.68 -5.92 -20.34
CA THR A 55 29.17 -6.40 -21.65
C THR A 55 27.69 -6.01 -21.86
N TYR A 56 27.06 -5.24 -20.96
CA TYR A 56 25.60 -5.04 -20.99
C TYR A 56 25.17 -4.19 -22.18
N PRO A 57 25.86 -3.08 -22.55
CA PRO A 57 25.41 -2.33 -23.72
C PRO A 57 25.30 -3.22 -24.97
N ASP A 58 26.27 -4.11 -25.18
CA ASP A 58 26.23 -5.06 -26.34
C ASP A 58 24.98 -5.94 -26.23
N TYR A 59 24.72 -6.51 -25.05
CA TYR A 59 23.60 -7.44 -24.79
C TYR A 59 22.29 -6.71 -25.07
N TYR A 60 22.11 -5.55 -24.43
CA TYR A 60 20.83 -4.81 -24.43
C TYR A 60 20.46 -4.38 -25.86
N PHE A 61 21.42 -3.84 -26.60
CA PHE A 61 21.17 -3.34 -27.97
C PHE A 61 21.02 -4.56 -28.90
N ARG A 62 21.61 -5.69 -28.57
CA ARG A 62 21.46 -6.91 -29.44
C ARG A 62 20.07 -7.56 -29.24
N VAL A 63 19.64 -7.76 -27.99
CA VAL A 63 18.36 -8.50 -27.72
C VAL A 63 17.17 -7.62 -28.07
N THR A 64 17.32 -6.29 -28.12
CA THR A 64 16.22 -5.38 -28.52
C THR A 64 16.32 -5.07 -30.02
N LYS A 65 17.23 -5.75 -30.74
CA LYS A 65 17.45 -5.54 -32.21
C LYS A 65 17.62 -4.06 -32.52
N SER A 66 18.46 -3.34 -31.76
CA SER A 66 18.64 -1.88 -31.86
C SER A 66 20.09 -1.49 -32.19
N GLU A 67 20.88 -2.40 -32.74
CA GLU A 67 22.33 -2.16 -33.00
C GLU A 67 22.54 -1.02 -33.98
N HIS A 68 21.59 -0.73 -34.86
CA HIS A 68 21.73 0.40 -35.81
C HIS A 68 21.57 1.74 -35.11
N LEU A 69 21.12 1.75 -33.82
CA LEU A 69 21.02 3.03 -33.12
C LEU A 69 22.41 3.29 -32.48
N ALA A 70 23.42 3.59 -33.31
CA ALA A 70 24.84 3.56 -32.87
C ALA A 70 25.14 4.67 -31.86
N ASP A 71 24.67 5.88 -32.08
CA ASP A 71 24.90 7.04 -31.17
C ASP A 71 24.21 6.75 -29.84
N LEU A 72 23.01 6.18 -29.89
CA LEU A 72 22.25 5.85 -28.66
C LEU A 72 23.05 4.81 -27.87
N LYS A 73 23.58 3.78 -28.53
CA LYS A 73 24.38 2.74 -27.88
C LYS A 73 25.63 3.34 -27.22
N GLU A 74 26.31 4.29 -27.89
CA GLU A 74 27.51 4.96 -27.30
C GLU A 74 27.10 5.75 -26.05
N LYS A 75 25.96 6.45 -26.08
CA LYS A 75 25.40 7.13 -24.86
C LYS A 75 25.16 6.10 -23.74
N PHE A 76 24.63 4.92 -24.07
CA PHE A 76 24.33 3.88 -23.07
C PHE A 76 25.62 3.30 -22.52
N GLN A 77 26.62 3.14 -23.36
CA GLN A 77 27.97 2.69 -22.93
C GLN A 77 28.56 3.68 -21.90
N ARG A 78 28.45 4.97 -22.12
CA ARG A 78 28.97 5.98 -21.17
C ARG A 78 28.21 5.87 -19.84
N MET A 79 26.88 5.69 -19.91
CA MET A 79 26.07 5.54 -18.67
C MET A 79 26.52 4.31 -17.92
N CYS A 80 26.73 3.18 -18.61
CA CYS A 80 27.12 1.92 -17.91
C CYS A 80 28.55 2.05 -17.36
N ASP A 81 29.47 2.69 -18.08
CA ASP A 81 30.87 2.86 -17.60
C ASP A 81 30.89 3.71 -16.33
N LYS A 82 30.00 4.68 -16.21
CA LYS A 82 29.96 5.59 -15.04
C LYS A 82 29.10 5.00 -13.90
N SER A 83 28.42 3.87 -14.10
CA SER A 83 27.37 3.36 -13.19
C SER A 83 27.96 2.90 -11.85
N MET A 84 29.23 2.51 -11.80
CA MET A 84 29.88 1.86 -10.62
C MET A 84 29.13 0.58 -10.25
N ILE A 85 28.51 -0.08 -11.25
CA ILE A 85 27.85 -1.39 -11.11
C ILE A 85 28.75 -2.41 -11.82
N ARG A 86 29.05 -3.49 -11.14
CA ARG A 86 29.81 -4.63 -11.71
C ARG A 86 28.84 -5.64 -12.32
N LYS A 87 27.75 -5.94 -11.63
CA LYS A 87 26.77 -6.96 -12.08
C LYS A 87 25.42 -6.65 -11.46
N ARG A 88 24.40 -7.18 -12.10
CA ARG A 88 23.00 -7.17 -11.62
C ARG A 88 22.41 -8.57 -11.82
N HIS A 89 21.42 -8.90 -11.01
CA HIS A 89 20.64 -10.16 -11.16
C HIS A 89 19.31 -9.78 -11.83
N MET A 90 18.95 -10.51 -12.89
N MET A 90 18.96 -10.49 -12.91
CA MET A 90 17.75 -10.22 -13.69
CA MET A 90 17.73 -10.21 -13.67
C MET A 90 16.98 -11.53 -13.93
C MET A 90 16.99 -11.52 -13.94
N HIS A 91 15.71 -11.58 -13.52
CA HIS A 91 14.83 -12.73 -13.85
C HIS A 91 14.69 -12.81 -15.38
N LEU A 92 14.46 -11.69 -16.02
CA LEU A 92 14.31 -11.62 -17.50
C LEU A 92 15.56 -12.16 -18.19
N THR A 93 15.39 -13.15 -19.05
CA THR A 93 16.49 -13.77 -19.82
C THR A 93 16.21 -13.58 -21.32
N GLU A 94 17.19 -13.81 -22.16
CA GLU A 94 16.97 -13.70 -23.61
C GLU A 94 15.86 -14.67 -24.05
N GLU A 95 15.81 -15.87 -23.49
CA GLU A 95 14.77 -16.89 -23.85
C GLU A 95 13.38 -16.29 -23.58
N ILE A 96 13.21 -15.58 -22.48
CA ILE A 96 11.90 -14.95 -22.16
C ILE A 96 11.66 -13.80 -23.13
N LEU A 97 12.69 -13.03 -23.48
CA LEU A 97 12.55 -11.90 -24.42
C LEU A 97 12.18 -12.42 -25.82
N ILE A 98 12.71 -13.57 -26.20
CA ILE A 98 12.37 -14.13 -27.55
C ILE A 98 10.88 -14.50 -27.59
N LYS A 99 10.31 -15.00 -26.49
CA LYS A 99 8.88 -15.40 -26.38
C LYS A 99 7.97 -14.17 -26.22
N ASN A 100 8.52 -13.01 -25.88
CA ASN A 100 7.73 -11.78 -25.60
C ASN A 100 8.34 -10.60 -26.33
N PRO A 101 8.32 -10.63 -27.68
CA PRO A 101 8.92 -9.56 -28.47
C PRO A 101 8.35 -8.16 -28.25
N LYS A 102 7.10 -8.03 -27.81
CA LYS A 102 6.48 -6.70 -27.60
C LYS A 102 7.16 -6.04 -26.40
N ILE A 103 7.76 -6.83 -25.50
CA ILE A 103 8.49 -6.26 -24.32
C ILE A 103 9.78 -5.61 -24.85
N CYS A 104 10.38 -6.10 -25.95
CA CYS A 104 11.64 -5.56 -26.55
C CYS A 104 11.37 -4.25 -27.32
N ALA A 105 10.14 -3.99 -27.79
CA ALA A 105 9.79 -2.70 -28.43
C ALA A 105 9.88 -1.62 -27.35
N HIS A 106 9.85 -0.37 -27.74
CA HIS A 106 9.95 0.73 -26.77
C HIS A 106 8.61 0.88 -26.05
N MET A 107 7.47 0.86 -26.75
CA MET A 107 6.18 1.32 -26.15
C MET A 107 4.96 0.56 -26.73
N GLU A 108 5.07 -0.75 -26.94
CA GLU A 108 3.96 -1.59 -27.44
C GLU A 108 3.12 -2.06 -26.25
N THR A 109 1.86 -2.34 -26.50
CA THR A 109 0.95 -2.92 -25.48
C THR A 109 1.57 -4.21 -24.95
N SER A 110 1.84 -4.28 -23.63
CA SER A 110 2.61 -5.39 -23.10
C SER A 110 2.32 -5.61 -21.61
N LEU A 111 1.45 -4.81 -20.98
CA LEU A 111 1.25 -4.95 -19.50
C LEU A 111 0.86 -6.38 -19.14
N ASP A 112 0.00 -7.05 -19.93
CA ASP A 112 -0.51 -8.37 -19.51
C ASP A 112 0.64 -9.39 -19.53
N ALA A 113 1.51 -9.35 -20.53
CA ALA A 113 2.66 -10.28 -20.63
C ALA A 113 3.67 -10.04 -19.48
N ARG A 114 3.82 -8.78 -19.09
CA ARG A 114 4.72 -8.39 -17.96
C ARG A 114 4.14 -8.87 -16.64
N HIS A 115 2.86 -8.62 -16.40
CA HIS A 115 2.16 -9.11 -15.18
C HIS A 115 2.23 -10.63 -15.11
N ALA A 116 2.13 -11.33 -16.25
CA ALA A 116 2.18 -12.82 -16.25
C ALA A 116 3.47 -13.28 -15.57
N ILE A 117 4.57 -12.56 -15.78
CA ILE A 117 5.90 -12.86 -15.17
C ILE A 117 5.94 -12.31 -13.74
N ALA A 118 5.72 -11.02 -13.57
CA ALA A 118 6.02 -10.37 -12.26
C ALA A 118 5.08 -10.83 -11.17
N LEU A 119 3.79 -11.08 -11.44
CA LEU A 119 2.83 -11.44 -10.36
C LEU A 119 3.17 -12.82 -9.76
N VAL A 120 3.86 -13.68 -10.52
CA VAL A 120 4.42 -14.98 -10.02
C VAL A 120 5.79 -14.79 -9.37
N GLU A 121 6.72 -14.09 -10.00
CA GLU A 121 8.14 -14.07 -9.55
C GLU A 121 8.32 -13.12 -8.36
N VAL A 122 7.51 -12.07 -8.20
CA VAL A 122 7.72 -11.17 -7.04
C VAL A 122 7.50 -11.94 -5.73
N PRO A 123 6.36 -12.62 -5.50
CA PRO A 123 6.18 -13.39 -4.26
C PRO A 123 7.20 -14.51 -4.14
N LYS A 124 7.58 -15.14 -5.25
CA LYS A 124 8.52 -16.27 -5.16
C LYS A 124 9.91 -15.80 -4.71
N LEU A 125 10.39 -14.66 -5.24
CA LEU A 125 11.67 -14.10 -4.79
C LEU A 125 11.55 -13.67 -3.34
N GLY A 126 10.43 -13.06 -2.96
CA GLY A 126 10.22 -12.70 -1.55
C GLY A 126 10.25 -13.90 -0.63
N GLN A 127 9.69 -15.04 -1.08
CA GLN A 127 9.71 -16.28 -0.29
C GLN A 127 11.17 -16.70 -0.04
N GLY A 128 12.03 -16.63 -1.06
CA GLY A 128 13.48 -16.91 -0.94
C GLY A 128 14.13 -16.07 0.14
N ALA A 129 13.82 -14.79 0.18
CA ALA A 129 14.41 -13.88 1.19
C ALA A 129 13.82 -14.21 2.56
N ALA A 130 12.51 -14.37 2.65
CA ALA A 130 11.79 -14.56 3.91
C ALA A 130 12.25 -15.86 4.55
N GLU A 131 12.46 -16.89 3.74
CA GLU A 131 12.92 -18.19 4.31
C GLU A 131 14.28 -18.00 5.00
N LYS A 132 15.19 -17.23 4.39
CA LYS A 132 16.53 -16.97 4.95
C LYS A 132 16.41 -16.17 6.22
N ALA A 133 15.53 -15.15 6.27
CA ALA A 133 15.33 -14.37 7.51
C ALA A 133 14.80 -15.29 8.60
N ILE A 134 13.78 -16.08 8.28
CA ILE A 134 13.09 -16.95 9.28
C ILE A 134 14.11 -18.01 9.79
N LYS A 135 15.00 -18.52 8.95
CA LYS A 135 16.06 -19.48 9.39
C LYS A 135 17.02 -18.82 10.38
N GLU A 136 17.45 -17.60 10.11
CA GLU A 136 18.35 -16.87 11.03
C GLU A 136 17.61 -16.62 12.34
N TRP A 137 16.36 -16.19 12.29
CA TRP A 137 15.55 -15.91 13.50
C TRP A 137 15.36 -17.17 14.37
N GLY A 138 15.00 -18.28 13.76
CA GLY A 138 14.97 -19.63 14.36
C GLY A 138 13.67 -19.92 15.10
N GLN A 139 12.70 -19.01 15.11
CA GLN A 139 11.41 -19.21 15.81
C GLN A 139 10.38 -19.84 14.87
N PRO A 140 9.31 -20.44 15.42
CA PRO A 140 8.29 -21.06 14.58
C PRO A 140 7.52 -20.01 13.76
N LEU A 141 7.07 -20.40 12.57
CA LEU A 141 6.21 -19.56 11.68
C LEU A 141 4.99 -19.01 12.42
N SER A 142 4.41 -19.77 13.35
CA SER A 142 3.19 -19.39 14.11
C SER A 142 3.45 -18.14 14.96
N LYS A 143 4.70 -17.78 15.22
CA LYS A 143 5.01 -16.56 16.03
C LYS A 143 5.01 -15.29 15.16
N ILE A 144 4.92 -15.43 13.84
CA ILE A 144 4.77 -14.22 12.96
C ILE A 144 3.32 -13.74 13.00
N THR A 145 3.11 -12.56 13.51
CA THR A 145 1.81 -11.96 13.75
C THR A 145 1.38 -11.06 12.59
N HIS A 146 2.36 -10.47 11.92
CA HIS A 146 2.13 -9.42 10.89
C HIS A 146 3.05 -9.65 9.70
N LEU A 147 2.57 -9.28 8.51
CA LEU A 147 3.36 -9.29 7.28
C LEU A 147 3.18 -7.95 6.59
N VAL A 148 4.28 -7.30 6.24
CA VAL A 148 4.29 -6.09 5.37
C VAL A 148 5.03 -6.49 4.11
N PHE A 149 4.39 -6.42 2.96
CA PHE A 149 4.99 -6.76 1.66
C PHE A 149 5.01 -5.47 0.83
N CYS A 150 6.16 -5.14 0.29
CA CYS A 150 6.41 -3.95 -0.53
C CYS A 150 6.96 -4.35 -1.90
N THR A 151 6.39 -3.79 -2.95
CA THR A 151 6.97 -3.93 -4.30
C THR A 151 6.61 -2.70 -5.12
N THR A 152 7.31 -2.54 -6.22
CA THR A 152 7.02 -1.55 -7.26
C THR A 152 6.79 -2.28 -8.58
N SER A 153 6.73 -3.60 -8.55
CA SER A 153 6.77 -4.48 -9.75
C SER A 153 5.42 -5.15 -9.96
N GLY A 154 4.41 -4.45 -10.47
CA GLY A 154 3.10 -5.13 -10.71
C GLY A 154 2.13 -4.94 -9.57
N VAL A 155 0.84 -5.07 -9.84
CA VAL A 155 -0.22 -5.07 -8.81
C VAL A 155 -1.20 -6.19 -9.12
N ASP A 156 -1.91 -6.66 -8.10
CA ASP A 156 -2.95 -7.69 -8.26
C ASP A 156 -3.79 -7.79 -7.01
N MET A 157 -4.96 -8.41 -7.12
CA MET A 157 -5.84 -8.71 -5.97
C MET A 157 -6.30 -10.15 -6.06
N PRO A 158 -6.09 -10.97 -5.01
CA PRO A 158 -5.30 -10.64 -3.83
C PRO A 158 -3.84 -10.35 -4.16
N GLY A 159 -3.17 -9.61 -3.23
CA GLY A 159 -1.81 -9.13 -3.50
C GLY A 159 -0.73 -10.15 -3.23
N ALA A 160 0.50 -9.72 -3.36
CA ALA A 160 1.71 -10.53 -3.12
C ALA A 160 1.75 -10.92 -1.64
N ASP A 161 1.16 -10.11 -0.76
CA ASP A 161 1.13 -10.44 0.70
C ASP A 161 0.34 -11.75 0.94
N TYR A 162 -0.80 -11.90 0.28
CA TYR A 162 -1.65 -13.11 0.33
C TYR A 162 -0.84 -14.26 -0.33
N GLN A 163 -0.21 -14.02 -1.47
CA GLN A 163 0.54 -15.10 -2.16
C GLN A 163 1.68 -15.56 -1.27
N LEU A 164 2.37 -14.65 -0.58
CA LEU A 164 3.49 -15.07 0.27
C LEU A 164 2.98 -15.81 1.51
N THR A 165 1.86 -15.38 2.09
CA THR A 165 1.22 -16.05 3.25
C THR A 165 1.04 -17.53 2.88
N LYS A 166 0.53 -17.78 1.67
CA LYS A 166 0.23 -19.15 1.16
C LYS A 166 1.55 -19.90 0.95
N LEU A 167 2.54 -19.26 0.30
CA LEU A 167 3.85 -19.89 -0.03
C LEU A 167 4.56 -20.30 1.26
N LEU A 168 4.58 -19.47 2.29
CA LEU A 168 5.36 -19.77 3.51
C LEU A 168 4.58 -20.65 4.48
N GLY A 169 3.25 -20.67 4.42
CA GLY A 169 2.40 -21.33 5.42
C GLY A 169 2.31 -20.47 6.66
N LEU A 170 2.19 -19.14 6.53
CA LEU A 170 1.87 -18.29 7.70
C LEU A 170 0.46 -18.61 8.20
N SER A 171 0.18 -18.22 9.43
CA SER A 171 -1.17 -18.33 10.03
C SER A 171 -2.14 -17.57 9.14
N PRO A 172 -3.36 -18.09 8.88
CA PRO A 172 -4.37 -17.32 8.15
C PRO A 172 -4.80 -16.06 8.92
N THR A 173 -4.47 -15.95 10.22
CA THR A 173 -4.78 -14.77 11.04
C THR A 173 -3.64 -13.72 11.02
N VAL A 174 -2.61 -13.93 10.22
CA VAL A 174 -1.51 -12.93 10.08
C VAL A 174 -2.12 -11.60 9.57
N LYS A 175 -1.79 -10.49 10.23
CA LYS A 175 -2.33 -9.16 9.84
C LYS A 175 -1.40 -8.60 8.76
N ARG A 176 -1.97 -8.30 7.60
CA ARG A 176 -1.18 -7.99 6.38
C ARG A 176 -1.33 -6.52 5.98
N LEU A 177 -0.25 -5.99 5.47
CA LEU A 177 -0.20 -4.67 4.81
C LEU A 177 0.50 -4.88 3.47
N MET A 178 -0.25 -4.58 2.41
CA MET A 178 0.26 -4.72 1.03
C MET A 178 0.61 -3.32 0.49
N MET A 179 1.88 -3.04 0.29
CA MET A 179 2.44 -1.74 -0.13
C MET A 179 2.86 -1.88 -1.59
N TYR A 180 1.95 -1.49 -2.47
CA TYR A 180 2.19 -1.53 -3.95
C TYR A 180 2.61 -0.17 -4.53
N GLN A 181 3.34 -0.22 -5.65
CA GLN A 181 3.79 0.93 -6.48
C GLN A 181 4.51 1.93 -5.60
N GLN A 182 5.42 1.46 -4.73
CA GLN A 182 5.99 2.30 -3.66
C GLN A 182 7.20 3.11 -4.17
N GLY A 183 8.11 2.45 -4.88
CA GLY A 183 9.36 3.05 -5.36
C GLY A 183 10.46 2.95 -4.33
N CYS A 184 11.51 3.74 -4.50
CA CYS A 184 12.82 3.41 -3.87
C CYS A 184 12.82 3.82 -2.40
N PHE A 185 11.80 4.52 -1.89
CA PHE A 185 11.80 4.75 -0.42
C PHE A 185 11.00 3.67 0.30
N GLY A 186 10.52 2.66 -0.42
CA GLY A 186 9.66 1.64 0.18
C GLY A 186 10.35 0.85 1.27
N GLY A 187 11.66 0.62 1.16
CA GLY A 187 12.40 -0.12 2.19
C GLY A 187 12.41 0.64 3.51
N ALA A 188 12.53 1.96 3.43
CA ALA A 188 12.44 2.80 4.65
C ALA A 188 10.98 2.75 5.17
N THR A 189 9.98 2.82 4.28
CA THR A 189 8.55 2.83 4.66
C THR A 189 8.17 1.56 5.43
N VAL A 190 8.60 0.39 4.98
CA VAL A 190 8.19 -0.87 5.67
C VAL A 190 8.80 -0.89 7.08
N LEU A 191 9.97 -0.31 7.25
CA LEU A 191 10.58 -0.26 8.62
C LEU A 191 9.81 0.72 9.51
N ARG A 192 9.40 1.85 8.99
CA ARG A 192 8.54 2.81 9.73
C ARG A 192 7.23 2.11 10.13
N LEU A 193 6.59 1.38 9.22
CA LEU A 193 5.35 0.65 9.51
C LEU A 193 5.62 -0.42 10.60
N ALA A 194 6.69 -1.21 10.43
CA ALA A 194 7.00 -2.32 11.35
C ALA A 194 7.30 -1.75 12.74
N LYS A 195 7.89 -0.57 12.81
CA LYS A 195 8.24 0.05 14.10
C LYS A 195 6.95 0.29 14.90
N ASP A 196 5.95 0.94 14.32
CA ASP A 196 4.70 1.25 15.05
C ASP A 196 3.91 -0.04 15.39
N ILE A 197 3.88 -1.02 14.50
CA ILE A 197 3.22 -2.31 14.79
C ILE A 197 3.93 -3.02 15.95
N ALA A 198 5.25 -3.14 15.89
CA ALA A 198 6.02 -3.94 16.87
C ALA A 198 5.89 -3.28 18.23
N GLU A 199 5.94 -1.96 18.30
CA GLU A 199 5.99 -1.25 19.61
C GLU A 199 4.58 -1.17 20.20
N ASN A 200 3.51 -1.12 19.37
CA ASN A 200 2.16 -0.95 19.91
C ASN A 200 1.49 -2.28 20.29
N ASN A 201 2.08 -3.43 19.95
CA ASN A 201 1.38 -4.75 20.09
C ASN A 201 2.31 -5.73 20.80
N ARG A 202 2.08 -5.98 22.09
CA ARG A 202 2.99 -6.89 22.84
C ARG A 202 3.04 -8.26 22.16
N GLY A 203 4.23 -8.80 21.98
CA GLY A 203 4.47 -10.11 21.37
C GLY A 203 4.46 -10.05 19.84
N ALA A 204 4.20 -8.90 19.23
CA ALA A 204 4.13 -8.87 17.74
C ALA A 204 5.51 -9.17 17.18
N ARG A 205 5.53 -9.96 16.11
CA ARG A 205 6.71 -10.25 15.32
C ARG A 205 6.29 -9.97 13.87
N VAL A 206 6.93 -8.96 13.28
CA VAL A 206 6.55 -8.47 11.93
C VAL A 206 7.56 -9.04 10.93
N LEU A 207 7.06 -9.72 9.91
CA LEU A 207 7.87 -10.08 8.74
C LEU A 207 7.69 -8.97 7.67
N VAL A 208 8.77 -8.29 7.32
CA VAL A 208 8.78 -7.27 6.23
C VAL A 208 9.49 -7.90 5.05
N VAL A 209 8.97 -7.70 3.85
CA VAL A 209 9.56 -8.27 2.63
C VAL A 209 9.42 -7.20 1.54
N CYS A 210 10.52 -6.90 0.90
CA CYS A 210 10.59 -6.00 -0.30
C CYS A 210 11.04 -6.87 -1.44
N SER A 211 10.35 -6.84 -2.58
CA SER A 211 10.74 -7.73 -3.69
C SER A 211 10.52 -7.01 -5.02
N GLU A 212 11.54 -6.97 -5.87
CA GLU A 212 11.51 -6.18 -7.13
C GLU A 212 11.93 -7.07 -8.30
N ILE A 213 11.18 -6.96 -9.39
CA ILE A 213 11.45 -7.69 -10.66
C ILE A 213 11.28 -6.66 -11.77
N THR A 214 12.34 -6.34 -12.47
CA THR A 214 12.42 -5.25 -13.48
C THR A 214 11.77 -5.65 -14.82
N ALA A 215 11.25 -6.87 -14.94
CA ALA A 215 10.39 -7.26 -16.11
C ALA A 215 9.22 -6.31 -16.30
N MET A 216 8.73 -5.59 -15.27
CA MET A 216 7.64 -4.60 -15.49
C MET A 216 8.09 -3.40 -16.34
N ALA A 217 9.37 -3.02 -16.30
CA ALA A 217 9.88 -1.75 -16.86
C ALA A 217 10.81 -1.97 -18.05
N PHE A 218 11.34 -3.18 -18.26
CA PHE A 218 12.32 -3.44 -19.32
C PHE A 218 11.68 -3.09 -20.66
N ARG A 219 12.39 -2.35 -21.49
CA ARG A 219 11.89 -2.03 -22.86
C ARG A 219 13.09 -1.67 -23.73
N GLY A 220 12.87 -1.67 -25.04
CA GLY A 220 13.97 -1.31 -25.93
C GLY A 220 14.24 0.19 -25.85
N PRO A 221 15.44 0.62 -26.27
CA PRO A 221 15.86 2.01 -26.17
C PRO A 221 15.27 2.92 -27.22
N CYS A 222 15.09 4.18 -26.86
CA CYS A 222 14.59 5.16 -27.84
C CYS A 222 15.17 6.55 -27.55
N LYS A 223 15.59 7.26 -28.60
CA LYS A 223 16.21 8.60 -28.52
C LYS A 223 15.31 9.58 -27.78
N SER A 224 13.99 9.41 -27.80
CA SER A 224 13.05 10.39 -27.20
C SER A 224 12.99 10.21 -25.65
N HIS A 225 13.50 9.10 -25.12
CA HIS A 225 13.39 8.79 -23.65
C HIS A 225 14.75 8.37 -23.08
N LEU A 226 15.65 9.34 -22.96
CA LEU A 226 17.03 9.12 -22.49
C LEU A 226 17.00 8.78 -20.99
N ASP A 227 15.98 9.19 -20.28
CA ASP A 227 15.89 8.83 -18.83
C ASP A 227 15.52 7.35 -18.67
N SER A 228 14.77 6.75 -19.62
CA SER A 228 14.58 5.28 -19.64
C SER A 228 15.95 4.56 -19.80
N LEU A 229 16.84 5.10 -20.61
CA LEU A 229 18.20 4.52 -20.81
C LEU A 229 18.94 4.51 -19.47
N VAL A 230 18.85 5.58 -18.72
CA VAL A 230 19.49 5.65 -17.36
C VAL A 230 18.93 4.53 -16.49
N GLY A 231 17.59 4.33 -16.47
CA GLY A 231 17.00 3.26 -15.68
C GLY A 231 17.58 1.91 -16.09
N HIS A 232 17.72 1.70 -17.40
CA HIS A 232 18.26 0.39 -17.87
C HIS A 232 19.75 0.19 -17.53
N ALA A 233 20.48 1.24 -17.17
CA ALA A 233 21.89 1.11 -16.74
C ALA A 233 21.90 0.73 -15.25
N LEU A 234 20.86 1.08 -14.49
CA LEU A 234 20.97 1.01 -12.99
C LEU A 234 20.12 -0.08 -12.35
N PHE A 235 18.87 -0.30 -12.78
CA PHE A 235 17.88 -1.09 -12.00
C PHE A 235 18.18 -2.58 -12.15
N GLY A 236 18.21 -3.27 -11.02
CA GLY A 236 18.30 -4.75 -10.98
C GLY A 236 17.25 -5.38 -10.10
N ASP A 237 17.24 -6.72 -10.04
CA ASP A 237 16.19 -7.48 -9.32
C ASP A 237 16.71 -7.93 -7.96
N GLY A 238 15.83 -8.13 -7.01
CA GLY A 238 16.21 -8.67 -5.70
C GLY A 238 15.09 -8.59 -4.69
N ALA A 239 15.22 -9.35 -3.60
CA ALA A 239 14.26 -9.29 -2.51
C ALA A 239 15.02 -9.35 -1.19
N ALA A 240 14.50 -8.65 -0.23
CA ALA A 240 15.07 -8.67 1.11
C ALA A 240 13.94 -8.83 2.13
N ALA A 241 14.23 -9.45 3.27
CA ALA A 241 13.24 -9.69 4.32
C ALA A 241 13.89 -9.47 5.67
N ALA A 242 13.09 -8.98 6.60
CA ALA A 242 13.54 -8.85 8.00
C ALA A 242 12.43 -9.29 8.95
N ILE A 243 12.83 -9.71 10.15
CA ILE A 243 11.88 -9.94 11.25
C ILE A 243 12.10 -8.80 12.24
N ILE A 244 11.05 -8.08 12.58
CA ILE A 244 11.07 -6.91 13.48
C ILE A 244 10.22 -7.22 14.72
N GLY A 245 10.76 -6.96 15.92
CA GLY A 245 10.00 -7.15 17.15
C GLY A 245 10.51 -6.25 18.23
N ALA A 246 9.66 -5.88 19.16
CA ALA A 246 10.07 -5.22 20.39
C ALA A 246 10.21 -6.29 21.52
N ASP A 247 10.98 -5.98 22.56
CA ASP A 247 11.12 -6.87 23.77
C ASP A 247 11.65 -8.23 23.32
N PRO A 248 12.88 -8.28 22.76
CA PRO A 248 13.43 -9.52 22.23
C PRO A 248 13.63 -10.54 23.37
N ASP A 249 13.47 -11.81 23.04
CA ASP A 249 13.65 -12.92 24.02
C ASP A 249 15.16 -13.04 24.26
N GLN A 250 15.57 -12.94 25.53
CA GLN A 250 17.00 -12.92 25.96
C GLN A 250 17.70 -14.18 25.43
N LEU A 251 17.05 -15.34 25.42
CA LEU A 251 17.75 -16.61 25.11
C LEU A 251 17.62 -16.96 23.63
N ASP A 252 16.51 -16.63 22.99
CA ASP A 252 16.12 -17.25 21.70
C ASP A 252 16.25 -16.28 20.50
N GLU A 253 16.36 -14.98 20.74
CA GLU A 253 16.38 -13.98 19.63
C GLU A 253 17.65 -13.16 19.77
N GLN A 254 18.15 -12.63 18.66
CA GLN A 254 19.41 -11.84 18.64
C GLN A 254 19.19 -10.54 17.87
N PRO A 255 19.09 -9.41 18.58
CA PRO A 255 19.01 -8.10 17.96
C PRO A 255 20.15 -7.81 17.00
N VAL A 256 19.87 -7.07 15.93
CA VAL A 256 20.85 -6.68 14.88
C VAL A 256 20.91 -5.14 14.83
N PHE A 257 19.76 -4.46 14.79
CA PHE A 257 19.65 -2.98 14.83
C PHE A 257 18.41 -2.59 15.58
N GLN A 258 18.38 -1.43 16.22
CA GLN A 258 17.14 -0.87 16.79
C GLN A 258 16.66 0.27 15.86
N LEU A 259 15.36 0.40 15.75
CA LEU A 259 14.68 1.46 14.95
C LEU A 259 14.28 2.55 15.95
N VAL A 260 14.92 3.68 15.87
CA VAL A 260 14.77 4.75 16.90
C VAL A 260 13.72 5.75 16.46
N SER A 261 13.74 6.24 15.21
CA SER A 261 12.80 7.27 14.78
C SER A 261 12.67 7.21 13.26
N ALA A 262 11.54 7.68 12.76
CA ALA A 262 11.31 7.63 11.30
C ALA A 262 10.67 8.94 10.89
N SER A 263 11.18 9.58 9.84
CA SER A 263 10.68 10.88 9.36
C SER A 263 10.55 10.78 7.82
N GLN A 264 9.74 11.66 7.28
CA GLN A 264 9.55 11.73 5.80
C GLN A 264 9.41 13.19 5.41
N THR A 265 9.94 13.60 4.28
CA THR A 265 9.70 14.97 3.77
C THR A 265 9.64 14.98 2.23
N ILE A 266 8.88 15.90 1.70
CA ILE A 266 8.86 16.24 0.26
C ILE A 266 9.84 17.40 0.04
N LEU A 267 10.81 17.24 -0.85
CA LEU A 267 11.83 18.31 -1.10
C LEU A 267 11.19 19.49 -1.83
N PRO A 268 11.54 20.74 -1.41
CA PRO A 268 11.08 21.91 -2.13
C PRO A 268 11.56 21.87 -3.60
N GLU A 269 10.74 22.41 -4.49
CA GLU A 269 11.12 22.68 -5.91
C GLU A 269 11.49 21.37 -6.60
N SER A 270 10.83 20.26 -6.27
CA SER A 270 11.22 18.92 -6.80
C SER A 270 10.10 18.28 -7.60
N GLU A 271 9.04 19.04 -7.88
CA GLU A 271 7.84 18.49 -8.57
C GLU A 271 8.29 17.80 -9.87
N GLY A 272 7.94 16.55 -10.09
CA GLY A 272 8.21 15.84 -11.35
C GLY A 272 9.62 15.30 -11.45
N ALA A 273 10.46 15.36 -10.40
CA ALA A 273 11.85 14.93 -10.54
C ALA A 273 11.90 13.44 -10.82
N ILE A 274 11.04 12.64 -10.17
CA ILE A 274 11.01 11.15 -10.29
C ILE A 274 9.54 10.76 -10.39
N ASP A 275 9.08 10.37 -11.59
CA ASP A 275 7.68 9.92 -11.80
C ASP A 275 7.76 8.49 -12.37
N GLY A 276 6.72 7.71 -12.11
CA GLY A 276 6.61 6.34 -12.64
C GLY A 276 5.16 6.05 -12.92
N HIS A 277 4.86 5.61 -14.15
CA HIS A 277 3.47 5.37 -14.58
C HIS A 277 3.30 3.89 -14.92
N LEU A 278 2.27 3.25 -14.41
CA LEU A 278 1.91 1.88 -14.86
C LEU A 278 0.91 2.02 -15.99
N THR A 279 1.34 1.63 -17.19
CA THR A 279 0.64 1.94 -18.45
C THR A 279 0.35 0.64 -19.20
N GLU A 280 -0.34 0.77 -20.33
CA GLU A 280 -0.56 -0.34 -21.28
C GLU A 280 0.77 -0.96 -21.70
N ALA A 281 1.87 -0.21 -21.69
CA ALA A 281 3.21 -0.63 -22.12
C ALA A 281 4.10 -0.98 -20.91
N GLY A 282 3.50 -1.14 -19.74
CA GLY A 282 4.27 -1.49 -18.54
C GLY A 282 4.64 -0.25 -17.75
N LEU A 283 5.61 -0.42 -16.86
CA LEU A 283 6.05 0.69 -15.98
C LEU A 283 7.04 1.56 -16.74
N THR A 284 6.79 2.84 -16.79
CA THR A 284 7.69 3.84 -17.40
C THR A 284 8.24 4.73 -16.30
N ILE A 285 9.48 5.17 -16.48
CA ILE A 285 10.21 5.96 -15.43
C ILE A 285 10.57 7.30 -16.07
N HIS A 286 10.41 8.39 -15.31
CA HIS A 286 10.67 9.78 -15.77
C HIS A 286 11.64 10.34 -14.71
N LEU A 287 12.90 10.62 -15.10
CA LEU A 287 14.04 10.88 -14.16
C LEU A 287 14.74 12.13 -14.61
N LEU A 288 14.67 13.24 -13.85
CA LEU A 288 15.37 14.52 -14.19
C LEU A 288 16.86 14.42 -13.78
N LYS A 289 17.75 15.07 -14.56
CA LYS A 289 19.20 15.15 -14.21
C LYS A 289 19.40 15.85 -12.86
N ASP A 290 18.41 16.59 -12.36
CA ASP A 290 18.44 17.43 -11.12
C ASP A 290 18.42 16.56 -9.83
N VAL A 291 18.16 15.26 -9.91
CA VAL A 291 17.89 14.43 -8.68
C VAL A 291 19.05 14.45 -7.69
N PRO A 292 20.30 14.15 -8.11
CA PRO A 292 21.42 14.17 -7.15
C PRO A 292 21.60 15.54 -6.49
N GLY A 293 21.46 16.63 -7.25
CA GLY A 293 21.50 17.99 -6.71
C GLY A 293 20.42 18.26 -5.68
N LEU A 294 19.16 17.91 -6.02
CA LEU A 294 18.02 18.15 -5.09
C LEU A 294 18.25 17.39 -3.78
N ILE A 295 18.70 16.13 -3.87
CA ILE A 295 18.91 15.33 -2.63
C ILE A 295 20.06 15.94 -1.80
N SER A 296 21.20 16.20 -2.45
CA SER A 296 22.41 16.71 -1.73
C SER A 296 22.14 18.10 -1.13
N GLU A 297 21.30 18.94 -1.75
CA GLU A 297 20.95 20.30 -1.23
C GLU A 297 20.08 20.22 0.02
N ASN A 298 19.38 19.12 0.26
CA ASN A 298 18.38 19.02 1.35
C ASN A 298 18.82 18.01 2.42
N ILE A 299 19.91 17.26 2.18
CA ILE A 299 20.19 16.09 3.07
C ILE A 299 20.64 16.59 4.46
N GLU A 300 21.36 17.69 4.53
CA GLU A 300 21.87 18.15 5.85
C GLU A 300 20.70 18.56 6.74
N GLN A 301 19.71 19.23 6.18
CA GLN A 301 18.47 19.58 6.93
C GLN A 301 17.76 18.31 7.45
N ALA A 302 17.68 17.23 6.65
CA ALA A 302 17.08 15.95 7.12
C ALA A 302 17.91 15.37 8.28
N LEU A 303 19.25 15.41 8.17
CA LEU A 303 20.16 14.97 9.28
C LEU A 303 19.87 15.79 10.54
N GLU A 304 19.82 17.11 10.43
CA GLU A 304 19.62 17.99 11.61
C GLU A 304 18.27 17.71 12.25
N ASP A 305 17.22 17.59 11.45
CA ASP A 305 15.86 17.31 11.96
C ASP A 305 15.84 16.00 12.75
N ALA A 306 16.51 14.94 12.25
CA ALA A 306 16.56 13.61 12.90
C ALA A 306 17.47 13.58 14.13
N PHE A 307 18.60 14.30 14.10
CA PHE A 307 19.69 14.08 15.10
C PHE A 307 19.81 15.21 16.11
N GLU A 308 19.35 16.43 15.80
CA GLU A 308 19.45 17.56 16.78
C GLU A 308 18.75 17.15 18.08
N PRO A 309 17.57 16.50 18.07
CA PRO A 309 16.94 16.07 19.32
C PRO A 309 17.75 15.06 20.14
N LEU A 310 18.71 14.34 19.53
CA LEU A 310 19.63 13.38 20.21
C LEU A 310 20.97 14.05 20.52
N GLY A 311 21.14 15.33 20.16
CA GLY A 311 22.40 16.05 20.41
C GLY A 311 23.53 15.53 19.56
N ILE A 312 23.26 15.01 18.35
CA ILE A 312 24.32 14.50 17.44
C ILE A 312 24.41 15.48 16.26
N HIS A 313 25.62 15.88 15.89
CA HIS A 313 25.90 16.91 14.85
C HIS A 313 27.02 16.45 13.90
N ASN A 314 27.80 15.44 14.23
CA ASN A 314 28.99 15.04 13.45
C ASN A 314 28.65 13.85 12.55
N TRP A 315 28.54 14.08 11.24
CA TRP A 315 27.98 13.08 10.33
C TRP A 315 28.97 11.96 10.02
N ASN A 316 30.26 12.10 10.42
CA ASN A 316 31.23 10.99 10.29
C ASN A 316 31.23 10.11 11.53
N SER A 317 30.46 10.47 12.55
CA SER A 317 30.41 9.71 13.82
C SER A 317 29.25 8.70 13.83
N ILE A 318 28.44 8.67 12.76
CA ILE A 318 27.26 7.76 12.64
C ILE A 318 27.51 6.81 11.46
N PHE A 319 26.92 5.61 11.45
CA PHE A 319 27.00 4.71 10.29
C PHE A 319 25.89 5.12 9.31
N TRP A 320 26.10 4.80 8.03
CA TRP A 320 25.25 5.31 6.92
C TRP A 320 24.67 4.13 6.14
N ILE A 321 23.35 4.16 5.99
CA ILE A 321 22.62 3.21 5.11
C ILE A 321 21.91 4.09 4.08
N ALA A 322 22.55 4.45 2.99
CA ALA A 322 21.98 5.32 1.94
C ALA A 322 21.46 4.46 0.82
N HIS A 323 20.22 4.68 0.41
CA HIS A 323 19.67 3.96 -0.78
C HIS A 323 20.61 4.20 -1.94
N PRO A 324 21.15 3.15 -2.56
CA PRO A 324 22.10 3.33 -3.66
C PRO A 324 21.38 3.58 -4.98
N GLY A 325 20.75 4.74 -5.09
CA GLY A 325 19.93 5.06 -6.26
C GLY A 325 20.76 5.12 -7.52
N GLY A 326 22.00 5.57 -7.36
CA GLY A 326 23.01 5.59 -8.43
C GLY A 326 24.24 6.28 -7.86
N PRO A 327 25.37 6.22 -8.57
CA PRO A 327 26.63 6.70 -8.02
C PRO A 327 26.62 8.22 -7.83
N ALA A 328 25.90 8.98 -8.66
CA ALA A 328 25.87 10.45 -8.53
C ALA A 328 25.20 10.86 -7.23
N ILE A 329 24.14 10.18 -6.81
CA ILE A 329 23.47 10.57 -5.54
C ILE A 329 24.47 10.34 -4.39
N LEU A 330 25.14 9.20 -4.37
CA LEU A 330 26.05 8.87 -3.23
C LEU A 330 27.24 9.83 -3.28
N ASP A 331 27.80 10.09 -4.46
CA ASP A 331 28.96 11.03 -4.59
C ASP A 331 28.55 12.42 -4.10
N ARG A 332 27.39 12.94 -4.51
CA ARG A 332 26.99 14.33 -4.16
C ARG A 332 26.66 14.44 -2.67
N VAL A 333 26.08 13.42 -2.10
CA VAL A 333 25.77 13.45 -0.64
C VAL A 333 27.11 13.38 0.12
N GLU A 334 27.98 12.46 -0.22
CA GLU A 334 29.32 12.35 0.40
C GLU A 334 30.05 13.70 0.35
N ASP A 335 29.99 14.39 -0.79
CA ASP A 335 30.75 15.67 -0.97
C ASP A 335 30.11 16.78 -0.14
N ARG A 336 28.80 16.87 -0.09
CA ARG A 336 28.10 18.00 0.54
C ARG A 336 28.21 17.86 2.05
N VAL A 337 28.06 16.64 2.53
CA VAL A 337 28.01 16.34 3.99
C VAL A 337 29.46 16.22 4.52
N GLY A 338 30.43 15.93 3.65
CA GLY A 338 31.85 15.83 4.00
C GLY A 338 32.22 14.48 4.59
N LEU A 339 31.76 13.42 3.98
CA LEU A 339 32.01 12.08 4.52
C LEU A 339 33.37 11.55 4.11
N ASP A 340 34.02 10.86 5.03
CA ASP A 340 35.11 9.92 4.70
C ASP A 340 34.52 8.81 3.81
N LYS A 341 35.33 8.34 2.85
CA LYS A 341 34.93 7.27 1.89
C LYS A 341 34.47 5.97 2.57
N LYS A 342 34.92 5.65 3.78
CA LYS A 342 34.43 4.49 4.55
C LYS A 342 32.90 4.53 4.78
N ARG A 343 32.30 5.70 4.93
CA ARG A 343 30.90 5.82 5.41
C ARG A 343 29.95 5.21 4.37
N MET A 344 30.22 5.44 3.08
N MET A 344 30.20 5.39 3.09
CA MET A 344 29.34 4.98 1.96
CA MET A 344 29.24 4.86 2.08
C MET A 344 29.76 3.60 1.46
C MET A 344 29.75 3.58 1.46
N ARG A 345 30.75 2.94 2.06
CA ARG A 345 31.33 1.68 1.51
C ARG A 345 30.22 0.61 1.37
N ALA A 346 29.38 0.40 2.40
CA ALA A 346 28.35 -0.66 2.35
C ALA A 346 27.33 -0.33 1.22
N SER A 347 26.91 0.93 1.11
CA SER A 347 25.96 1.36 0.04
C SER A 347 26.60 1.11 -1.33
N ARG A 348 27.89 1.43 -1.49
CA ARG A 348 28.57 1.26 -2.80
C ARG A 348 28.81 -0.20 -3.11
N GLU A 349 29.00 -1.02 -2.11
CA GLU A 349 29.17 -2.47 -2.36
C GLU A 349 27.85 -3.06 -2.89
N VAL A 350 26.71 -2.64 -2.32
CA VAL A 350 25.40 -3.12 -2.82
C VAL A 350 25.25 -2.61 -4.28
N LEU A 351 25.51 -1.33 -4.55
CA LEU A 351 25.38 -0.80 -5.92
C LEU A 351 26.26 -1.67 -6.84
N SER A 352 27.49 -1.92 -6.45
CA SER A 352 28.46 -2.66 -7.30
C SER A 352 27.93 -4.07 -7.60
N GLU A 353 27.44 -4.79 -6.61
CA GLU A 353 27.15 -6.25 -6.74
C GLU A 353 25.70 -6.50 -7.20
N TYR A 354 24.79 -5.51 -7.11
CA TYR A 354 23.35 -5.78 -7.38
C TYR A 354 22.67 -4.69 -8.17
N GLY A 355 23.33 -3.53 -8.36
CA GLY A 355 22.68 -2.32 -8.88
C GLY A 355 21.64 -1.75 -7.92
N ASN A 356 20.69 -1.02 -8.48
CA ASN A 356 19.58 -0.35 -7.73
C ASN A 356 18.41 -1.33 -7.73
N MET A 357 18.10 -1.93 -6.60
CA MET A 357 16.99 -2.91 -6.44
C MET A 357 15.76 -2.25 -5.83
N SER A 358 15.59 -0.97 -6.08
N SER A 358 15.58 -0.96 -6.09
CA SER A 358 14.42 -0.19 -5.64
CA SER A 358 14.42 -0.19 -5.64
C SER A 358 14.21 -0.45 -4.15
C SER A 358 14.21 -0.45 -4.13
N SER A 359 13.01 -0.84 -3.73
CA SER A 359 12.63 -0.86 -2.29
C SER A 359 13.52 -1.83 -1.50
N ALA A 360 14.05 -2.89 -2.10
CA ALA A 360 14.84 -3.89 -1.37
C ALA A 360 16.25 -3.41 -1.00
N SER A 361 16.79 -2.39 -1.64
CA SER A 361 18.21 -2.04 -1.57
C SER A 361 18.63 -1.77 -0.13
N VAL A 362 17.90 -0.94 0.62
CA VAL A 362 18.44 -0.57 1.97
C VAL A 362 18.54 -1.76 2.89
N LEU A 363 17.69 -2.79 2.77
CA LEU A 363 17.83 -4.00 3.59
C LEU A 363 19.08 -4.79 3.19
N PHE A 364 19.44 -4.84 1.92
CA PHE A 364 20.73 -5.43 1.52
C PHE A 364 21.89 -4.65 2.14
N VAL A 365 21.81 -3.32 2.20
CA VAL A 365 22.91 -2.50 2.75
C VAL A 365 23.02 -2.80 4.25
N LEU A 366 21.90 -2.91 4.95
CA LEU A 366 21.94 -3.24 6.39
C LEU A 366 22.63 -4.60 6.57
N ASP A 367 22.29 -5.56 5.72
CA ASP A 367 22.86 -6.92 5.83
C ASP A 367 24.36 -6.88 5.56
N VAL A 368 24.80 -6.17 4.51
CA VAL A 368 26.24 -6.05 4.18
C VAL A 368 26.96 -5.41 5.35
N MET A 369 26.39 -4.36 5.90
CA MET A 369 27.05 -3.60 6.97
C MET A 369 27.23 -4.51 8.19
N ARG A 370 26.21 -5.25 8.61
CA ARG A 370 26.36 -6.02 9.88
C ARG A 370 27.31 -7.20 9.66
N LYS A 371 27.34 -7.77 8.47
CA LYS A 371 28.20 -8.95 8.15
C LYS A 371 29.65 -8.46 8.04
N SER A 372 29.90 -7.33 7.39
CA SER A 372 31.29 -6.84 7.22
C SER A 372 31.80 -6.36 8.59
N SER A 373 30.95 -5.79 9.45
CA SER A 373 31.35 -5.31 10.79
C SER A 373 31.88 -6.49 11.61
N ALA A 374 31.15 -7.60 11.67
CA ALA A 374 31.55 -8.83 12.42
C ALA A 374 32.83 -9.43 11.81
N LYS A 375 32.90 -9.50 10.48
CA LYS A 375 34.06 -10.08 9.76
C LYS A 375 35.32 -9.25 10.03
N ASP A 376 35.23 -7.92 10.15
CA ASP A 376 36.40 -7.01 10.40
C ASP A 376 36.68 -6.85 11.89
N GLY A 377 36.02 -7.61 12.76
CA GLY A 377 36.19 -7.55 14.22
C GLY A 377 35.81 -6.20 14.83
N LEU A 378 34.81 -5.49 14.31
CA LEU A 378 34.41 -4.16 14.89
C LEU A 378 33.47 -4.38 16.08
N ALA A 379 33.27 -3.36 16.92
CA ALA A 379 32.63 -3.48 18.24
C ALA A 379 31.08 -3.49 18.11
N THR A 380 30.51 -3.04 16.97
CA THR A 380 29.03 -2.97 16.82
C THR A 380 28.65 -3.37 15.38
N THR A 381 27.40 -3.68 15.20
CA THR A 381 26.82 -4.04 13.87
C THR A 381 26.88 -2.85 12.91
N GLY A 382 27.02 -1.64 13.43
CA GLY A 382 27.17 -0.40 12.66
C GLY A 382 28.61 0.08 12.53
N GLU A 383 29.52 -0.79 12.10
CA GLU A 383 30.94 -0.41 11.80
C GLU A 383 31.60 0.19 13.06
N GLY A 384 31.17 -0.22 14.25
CA GLY A 384 31.76 0.23 15.53
C GLY A 384 31.12 1.49 16.03
N LYS A 385 30.20 2.09 15.26
CA LYS A 385 29.48 3.31 15.69
C LYS A 385 28.22 2.87 16.45
N ASP A 386 27.70 3.75 17.29
CA ASP A 386 26.47 3.49 18.06
C ASP A 386 25.23 3.89 17.24
N TRP A 387 25.25 5.07 16.63
CA TRP A 387 24.07 5.67 15.96
C TRP A 387 24.26 5.59 14.45
N GLY A 388 23.15 5.46 13.74
CA GLY A 388 23.18 5.36 12.28
C GLY A 388 21.99 6.04 11.66
N VAL A 389 22.08 6.26 10.35
CA VAL A 389 21.00 6.88 9.57
C VAL A 389 20.72 5.99 8.38
N LEU A 390 19.44 5.83 8.07
CA LEU A 390 19.03 5.13 6.83
C LEU A 390 18.21 6.13 6.03
N PHE A 391 18.48 6.22 4.73
CA PHE A 391 17.78 7.17 3.84
C PHE A 391 17.18 6.39 2.67
N GLY A 392 15.90 6.61 2.45
CA GLY A 392 15.26 6.18 1.19
C GLY A 392 14.92 7.40 0.38
N PHE A 393 14.89 7.27 -0.96
CA PHE A 393 14.70 8.43 -1.87
C PHE A 393 13.72 7.95 -2.93
N GLY A 394 12.76 8.76 -3.31
CA GLY A 394 11.88 8.33 -4.42
C GLY A 394 10.92 9.42 -4.83
N PRO A 395 9.87 9.05 -5.59
CA PRO A 395 8.95 9.99 -6.16
C PRO A 395 8.40 10.99 -5.14
N GLY A 396 8.35 12.25 -5.53
CA GLY A 396 7.85 13.34 -4.69
C GLY A 396 8.44 14.70 -5.03
N LEU A 397 9.78 14.91 -4.85
CA LEU A 397 10.78 13.94 -4.46
C LEU A 397 10.70 13.76 -2.94
N THR A 398 10.58 12.52 -2.53
CA THR A 398 10.44 12.13 -1.11
C THR A 398 11.78 11.66 -0.57
N VAL A 399 12.12 12.11 0.63
CA VAL A 399 13.27 11.59 1.40
C VAL A 399 12.71 11.03 2.70
N GLU A 400 12.98 9.76 2.95
CA GLU A 400 12.61 9.09 4.23
C GLU A 400 13.89 8.90 5.03
N THR A 401 13.86 9.27 6.31
CA THR A 401 15.05 9.30 7.16
C THR A 401 14.77 8.52 8.44
N LEU A 402 15.45 7.41 8.66
CA LEU A 402 15.31 6.63 9.91
C LEU A 402 16.58 6.81 10.73
N VAL A 403 16.41 7.00 12.03
CA VAL A 403 17.56 6.91 12.96
C VAL A 403 17.65 5.47 13.48
N LEU A 404 18.83 4.86 13.42
CA LEU A 404 19.09 3.48 13.86
C LEU A 404 20.05 3.52 15.06
N HIS A 405 20.04 2.44 15.83
CA HIS A 405 21.09 2.15 16.85
C HIS A 405 21.65 0.78 16.53
N SER A 406 22.97 0.63 16.63
CA SER A 406 23.68 -0.63 16.43
C SER A 406 23.54 -1.44 17.74
N VAL A 407 24.00 -2.66 17.68
CA VAL A 407 24.07 -3.54 18.89
C VAL A 407 25.50 -4.06 18.96
N PRO A 408 25.99 -4.42 20.16
CA PRO A 408 27.37 -4.93 20.24
C PRO A 408 27.66 -6.23 19.49
N VAL A 409 28.91 -6.36 18.99
CA VAL A 409 29.49 -7.62 18.45
C VAL A 409 30.57 -8.10 19.47
N ARG B 28 11.77 6.33 24.09
CA ARG B 28 10.56 5.45 23.77
C ARG B 28 9.35 5.86 24.65
N MET B 29 9.47 5.94 25.98
CA MET B 29 8.29 6.27 26.84
C MET B 29 7.83 7.72 26.64
N ALA B 30 8.69 8.63 26.18
CA ALA B 30 8.32 10.02 25.80
C ALA B 30 7.57 10.03 24.45
N GLN B 31 8.07 9.25 23.49
CA GLN B 31 7.63 9.13 22.07
C GLN B 31 6.12 8.73 22.00
N ARG B 32 5.53 7.99 22.95
CA ARG B 32 4.24 7.24 22.71
C ARG B 32 3.02 7.90 23.36
N ALA B 33 1.81 7.67 22.82
CA ALA B 33 0.54 8.19 23.37
C ALA B 33 0.11 7.31 24.55
N GLU B 34 -0.91 7.70 25.34
CA GLU B 34 -1.39 6.91 26.50
C GLU B 34 -2.63 6.05 26.19
N GLY B 35 -3.68 6.68 25.68
CA GLY B 35 -5.00 6.03 25.57
C GLY B 35 -5.21 5.42 24.17
N LEU B 36 -6.47 5.11 23.90
CA LEU B 36 -6.90 4.42 22.66
C LEU B 36 -7.01 5.40 21.50
N ALA B 37 -6.66 4.93 20.31
CA ALA B 37 -6.97 5.65 19.07
C ALA B 37 -8.47 5.88 18.99
N THR B 38 -8.85 7.11 18.65
CA THR B 38 -10.23 7.59 18.60
C THR B 38 -10.48 8.25 17.23
N VAL B 39 -11.67 7.99 16.69
CA VAL B 39 -12.19 8.76 15.53
C VAL B 39 -12.68 10.12 16.09
N LEU B 40 -12.15 11.20 15.55
CA LEU B 40 -12.44 12.58 16.02
C LEU B 40 -13.34 13.30 15.04
N ALA B 41 -13.50 12.80 13.81
CA ALA B 41 -14.27 13.46 12.76
C ALA B 41 -14.43 12.49 11.61
N ILE B 42 -15.50 12.64 10.83
CA ILE B 42 -15.70 11.80 9.61
C ILE B 42 -16.33 12.71 8.57
N GLY B 43 -15.86 12.65 7.32
CA GLY B 43 -16.40 13.43 6.21
C GLY B 43 -16.55 12.54 4.99
N THR B 44 -17.52 12.84 4.14
CA THR B 44 -17.76 12.02 2.94
C THR B 44 -17.99 12.94 1.72
N ALA B 45 -17.80 12.39 0.55
CA ALA B 45 -18.04 13.11 -0.71
C ALA B 45 -18.34 12.09 -1.79
N VAL B 46 -19.22 12.50 -2.72
CA VAL B 46 -19.55 11.67 -3.88
C VAL B 46 -19.58 12.57 -5.10
N PRO B 47 -19.34 12.00 -6.27
CA PRO B 47 -19.57 12.75 -7.52
C PRO B 47 -21.01 13.28 -7.56
N ALA B 48 -21.20 14.49 -8.13
CA ALA B 48 -22.54 15.10 -8.22
C ALA B 48 -23.48 14.24 -9.09
N ASN B 49 -22.94 13.60 -10.12
CA ASN B 49 -23.72 12.79 -11.07
C ASN B 49 -24.31 11.55 -10.38
N CYS B 50 -25.63 11.45 -10.41
CA CYS B 50 -26.46 10.49 -9.66
C CYS B 50 -27.11 9.54 -10.68
N VAL B 51 -26.92 8.23 -10.60
CA VAL B 51 -27.62 7.27 -11.52
C VAL B 51 -28.62 6.48 -10.69
N TYR B 52 -29.91 6.60 -11.00
CA TYR B 52 -30.97 5.85 -10.28
C TYR B 52 -30.96 4.41 -10.75
N GLN B 53 -31.15 3.48 -9.82
CA GLN B 53 -31.05 2.04 -10.12
C GLN B 53 -32.26 1.60 -10.98
N ALA B 54 -33.44 2.18 -10.77
CA ALA B 54 -34.71 1.75 -11.41
C ALA B 54 -34.51 1.77 -12.95
N THR B 55 -33.78 2.76 -13.47
CA THR B 55 -33.60 3.02 -14.93
C THR B 55 -32.21 2.54 -15.39
N TYR B 56 -31.40 1.95 -14.52
CA TYR B 56 -29.97 1.68 -14.86
C TYR B 56 -29.81 0.62 -15.92
N PRO B 57 -30.56 -0.50 -15.93
CA PRO B 57 -30.40 -1.49 -17.00
C PRO B 57 -30.57 -0.85 -18.40
N ASP B 58 -31.55 0.04 -18.56
CA ASP B 58 -31.81 0.71 -19.87
C ASP B 58 -30.59 1.57 -20.21
N TYR B 59 -30.09 2.35 -19.23
CA TYR B 59 -28.95 3.29 -19.41
C TYR B 59 -27.72 2.46 -19.82
N TYR B 60 -27.37 1.47 -19.01
CA TYR B 60 -26.13 0.68 -19.16
C TYR B 60 -26.11 -0.01 -20.54
N PHE B 61 -27.20 -0.64 -20.91
CA PHE B 61 -27.26 -1.41 -22.19
C PHE B 61 -27.28 -0.42 -23.35
N ARG B 62 -27.78 0.79 -23.15
CA ARG B 62 -27.81 1.80 -24.25
C ARG B 62 -26.43 2.43 -24.46
N VAL B 63 -25.76 2.89 -23.39
CA VAL B 63 -24.47 3.63 -23.56
C VAL B 63 -23.37 2.65 -23.97
N THR B 64 -23.50 1.35 -23.75
CA THR B 64 -22.52 0.34 -24.19
C THR B 64 -22.92 -0.24 -25.56
N LYS B 65 -23.98 0.31 -26.19
CA LYS B 65 -24.51 -0.20 -27.50
C LYS B 65 -24.71 -1.71 -27.44
N SER B 66 -25.44 -2.21 -26.43
CA SER B 66 -25.57 -3.66 -26.16
C SER B 66 -27.05 -4.10 -26.19
N GLU B 67 -27.93 -3.30 -26.80
CA GLU B 67 -29.40 -3.56 -26.79
C GLU B 67 -29.75 -4.86 -27.52
N HIS B 68 -28.90 -5.37 -28.42
CA HIS B 68 -29.15 -6.68 -29.08
C HIS B 68 -28.94 -7.84 -28.09
N LEU B 69 -28.39 -7.60 -26.90
CA LEU B 69 -28.18 -8.70 -25.92
C LEU B 69 -29.41 -8.75 -24.98
N ALA B 70 -30.59 -9.13 -25.50
CA ALA B 70 -31.90 -9.15 -24.79
C ALA B 70 -31.89 -9.98 -23.51
N ASP B 71 -31.40 -11.22 -23.60
CA ASP B 71 -31.37 -12.21 -22.49
C ASP B 71 -30.47 -11.65 -21.37
N LEU B 72 -29.32 -11.10 -21.78
CA LEU B 72 -28.34 -10.55 -20.83
C LEU B 72 -28.97 -9.36 -20.12
N LYS B 73 -29.69 -8.51 -20.83
CA LYS B 73 -30.36 -7.33 -20.24
C LYS B 73 -31.41 -7.77 -19.21
N GLU B 74 -32.15 -8.85 -19.50
CA GLU B 74 -33.17 -9.38 -18.56
C GLU B 74 -32.46 -9.86 -17.28
N LYS B 75 -31.36 -10.59 -17.39
CA LYS B 75 -30.52 -11.03 -16.25
C LYS B 75 -30.04 -9.79 -15.45
N PHE B 76 -29.60 -8.74 -16.12
CA PHE B 76 -29.09 -7.53 -15.45
C PHE B 76 -30.24 -6.81 -14.78
N GLN B 77 -31.43 -6.82 -15.43
CA GLN B 77 -32.67 -6.24 -14.76
C GLN B 77 -32.95 -6.94 -13.42
N ARG B 78 -32.87 -8.26 -13.37
CA ARG B 78 -33.15 -9.03 -12.13
C ARG B 78 -32.07 -8.67 -11.09
N MET B 79 -30.79 -8.57 -11.50
CA MET B 79 -29.69 -8.22 -10.55
C MET B 79 -29.96 -6.83 -9.97
N CYS B 80 -30.35 -5.86 -10.79
CA CYS B 80 -30.65 -4.49 -10.30
C CYS B 80 -31.90 -4.47 -9.42
N ASP B 81 -32.96 -5.19 -9.78
CA ASP B 81 -34.18 -5.25 -8.94
C ASP B 81 -33.91 -5.89 -7.56
N LYS B 82 -32.99 -6.83 -7.47
CA LYS B 82 -32.65 -7.51 -6.20
C LYS B 82 -31.55 -6.76 -5.41
N SER B 83 -30.91 -5.74 -5.99
CA SER B 83 -29.69 -5.09 -5.44
C SER B 83 -29.97 -4.37 -4.13
N MET B 84 -31.21 -3.93 -3.89
CA MET B 84 -31.57 -3.05 -2.73
C MET B 84 -30.75 -1.75 -2.78
N ILE B 85 -30.44 -1.28 -3.98
CA ILE B 85 -29.77 0.01 -4.27
C ILE B 85 -30.80 0.92 -4.92
N ARG B 86 -31.01 2.10 -4.36
CA ARG B 86 -31.91 3.11 -4.95
C ARG B 86 -31.12 3.99 -5.92
N LYS B 87 -29.89 4.41 -5.57
CA LYS B 87 -29.10 5.26 -6.47
C LYS B 87 -27.62 5.03 -6.17
N ARG B 88 -26.79 5.43 -7.12
CA ARG B 88 -25.31 5.46 -6.95
C ARG B 88 -24.80 6.78 -7.55
N HIS B 89 -23.64 7.23 -7.11
CA HIS B 89 -22.96 8.41 -7.69
C HIS B 89 -21.82 7.89 -8.56
N MET B 90 -21.74 8.38 -9.79
N MET B 90 -21.70 8.47 -9.74
CA MET B 90 -20.70 7.92 -10.76
CA MET B 90 -20.75 8.01 -10.77
C MET B 90 -20.08 9.15 -11.43
C MET B 90 -20.08 9.23 -11.40
N HIS B 91 -18.76 9.26 -11.38
CA HIS B 91 -18.00 10.30 -12.09
C HIS B 91 -18.23 10.11 -13.58
N LEU B 92 -18.14 8.86 -14.03
CA LEU B 92 -18.32 8.56 -15.49
C LEU B 92 -19.72 8.99 -15.94
N THR B 93 -19.79 9.83 -16.96
CA THR B 93 -21.05 10.32 -17.57
C THR B 93 -21.10 9.82 -19.01
N GLU B 94 -22.29 9.94 -19.61
CA GLU B 94 -22.42 9.52 -21.03
C GLU B 94 -21.46 10.33 -21.91
N GLU B 95 -21.33 11.62 -21.64
CA GLU B 95 -20.41 12.51 -22.41
C GLU B 95 -18.98 11.94 -22.37
N ILE B 96 -18.53 11.47 -21.20
CA ILE B 96 -17.14 10.92 -21.10
C ILE B 96 -17.09 9.59 -21.83
N LEU B 97 -18.16 8.78 -21.76
CA LEU B 97 -18.18 7.46 -22.42
C LEU B 97 -18.19 7.66 -23.95
N ILE B 98 -18.84 8.70 -24.42
CA ILE B 98 -18.83 8.99 -25.90
C ILE B 98 -17.40 9.31 -26.36
N LYS B 99 -16.60 10.01 -25.55
CA LYS B 99 -15.20 10.41 -25.86
C LYS B 99 -14.23 9.24 -25.65
N ASN B 100 -14.66 8.15 -24.99
CA ASN B 100 -13.78 6.99 -24.65
C ASN B 100 -14.48 5.70 -25.00
N PRO B 101 -14.78 5.48 -26.30
CA PRO B 101 -15.48 4.28 -26.73
C PRO B 101 -14.85 2.93 -26.32
N LYS B 102 -13.53 2.85 -26.17
CA LYS B 102 -12.90 1.54 -25.86
C LYS B 102 -13.18 1.18 -24.39
N ILE B 103 -13.56 2.15 -23.58
CA ILE B 103 -14.02 1.88 -22.18
C ILE B 103 -15.38 1.16 -22.24
N CYS B 104 -16.23 1.41 -23.27
CA CYS B 104 -17.59 0.84 -23.41
C CYS B 104 -17.52 -0.59 -23.95
N ALA B 105 -16.44 -0.98 -24.66
CA ALA B 105 -16.24 -2.37 -25.10
C ALA B 105 -16.10 -3.24 -23.86
N HIS B 106 -16.26 -4.55 -24.00
CA HIS B 106 -16.08 -5.49 -22.87
C HIS B 106 -14.59 -5.53 -22.51
N MET B 107 -13.68 -5.74 -23.47
CA MET B 107 -12.28 -6.05 -23.14
C MET B 107 -11.34 -5.49 -24.23
N GLU B 108 -11.35 -4.17 -24.44
CA GLU B 108 -10.43 -3.54 -25.42
C GLU B 108 -9.35 -2.78 -24.64
N THR B 109 -8.21 -2.59 -25.27
CA THR B 109 -7.09 -1.81 -24.67
C THR B 109 -7.56 -0.45 -24.25
N SER B 110 -7.48 -0.13 -22.95
CA SER B 110 -8.14 1.07 -22.45
C SER B 110 -7.53 1.54 -21.11
N LEU B 111 -6.53 0.87 -20.58
CA LEU B 111 -5.99 1.26 -19.23
C LEU B 111 -5.56 2.73 -19.25
N ASP B 112 -4.91 3.21 -20.32
CA ASP B 112 -4.34 4.59 -20.30
C ASP B 112 -5.47 5.60 -20.20
N ALA B 113 -6.57 5.40 -20.97
CA ALA B 113 -7.74 6.29 -20.90
C ALA B 113 -8.43 6.29 -19.54
N ARG B 114 -8.48 5.13 -18.91
CA ARG B 114 -9.10 4.97 -17.56
C ARG B 114 -8.21 5.68 -16.51
N HIS B 115 -6.91 5.41 -16.55
CA HIS B 115 -5.94 6.12 -15.65
C HIS B 115 -6.01 7.63 -15.83
N ALA B 116 -6.19 8.14 -17.05
CA ALA B 116 -6.24 9.60 -17.29
C ALA B 116 -7.38 10.22 -16.49
N ILE B 117 -8.49 9.49 -16.30
CA ILE B 117 -9.64 9.94 -15.46
C ILE B 117 -9.29 9.68 -13.97
N ALA B 118 -9.04 8.45 -13.61
CA ALA B 118 -9.01 8.03 -12.17
C ALA B 118 -7.82 8.66 -11.43
N LEU B 119 -6.68 8.87 -12.08
CA LEU B 119 -5.49 9.40 -11.36
C LEU B 119 -5.71 10.87 -10.98
N VAL B 120 -6.59 11.59 -11.69
CA VAL B 120 -7.05 12.95 -11.34
C VAL B 120 -8.22 12.90 -10.35
N GLU B 121 -9.25 12.10 -10.57
CA GLU B 121 -10.52 12.18 -9.81
C GLU B 121 -10.38 11.54 -8.44
N VAL B 122 -9.56 10.52 -8.27
CA VAL B 122 -9.42 9.82 -6.95
C VAL B 122 -8.94 10.82 -5.92
N PRO B 123 -7.81 11.56 -6.13
CA PRO B 123 -7.35 12.50 -5.11
C PRO B 123 -8.34 13.65 -4.95
N LYS B 124 -8.98 14.10 -6.06
CA LYS B 124 -9.91 15.23 -5.95
C LYS B 124 -11.12 14.85 -5.10
N LEU B 125 -11.69 13.67 -5.29
CA LEU B 125 -12.84 13.21 -4.46
C LEU B 125 -12.37 13.04 -3.01
N GLY B 126 -11.17 12.50 -2.82
CA GLY B 126 -10.56 12.40 -1.48
C GLY B 126 -10.45 13.76 -0.83
N GLN B 127 -10.04 14.77 -1.59
CA GLN B 127 -9.94 16.16 -1.10
C GLN B 127 -11.30 16.62 -0.58
N GLY B 128 -12.37 16.38 -1.35
CA GLY B 128 -13.75 16.72 -0.91
C GLY B 128 -14.09 16.14 0.44
N ALA B 129 -13.78 14.86 0.64
CA ALA B 129 -14.07 14.18 1.91
C ALA B 129 -13.18 14.73 3.03
N ALA B 130 -11.87 14.87 2.75
CA ALA B 130 -10.90 15.30 3.77
C ALA B 130 -11.23 16.72 4.24
N GLU B 131 -11.63 17.60 3.32
CA GLU B 131 -11.97 19.00 3.71
C GLU B 131 -13.12 18.96 4.72
N LYS B 132 -14.10 18.11 4.51
CA LYS B 132 -15.28 17.99 5.39
C LYS B 132 -14.86 17.47 6.76
N ALA B 133 -14.02 16.44 6.80
CA ALA B 133 -13.54 15.90 8.10
C ALA B 133 -12.77 16.97 8.84
N ILE B 134 -11.87 17.67 8.13
CA ILE B 134 -10.99 18.70 8.76
C ILE B 134 -11.90 19.81 9.33
N LYS B 135 -12.95 20.19 8.62
CA LYS B 135 -13.92 21.25 9.11
C LYS B 135 -14.59 20.77 10.40
N GLU B 136 -15.05 19.52 10.46
CA GLU B 136 -15.69 18.97 11.68
C GLU B 136 -14.71 18.99 12.86
N TRP B 137 -13.47 18.59 12.62
CA TRP B 137 -12.42 18.55 13.65
C TRP B 137 -12.08 19.96 14.17
N GLY B 138 -11.88 20.91 13.28
CA GLY B 138 -11.66 22.34 13.60
C GLY B 138 -10.24 22.68 14.03
N GLN B 139 -9.30 21.74 14.07
CA GLN B 139 -7.85 22.04 14.31
C GLN B 139 -7.14 22.48 13.03
N PRO B 140 -6.02 23.23 13.19
CA PRO B 140 -5.23 23.64 12.03
C PRO B 140 -4.65 22.44 11.26
N LEU B 141 -4.52 22.60 9.96
CA LEU B 141 -3.93 21.58 9.05
C LEU B 141 -2.56 21.13 9.53
N SER B 142 -1.75 22.03 10.11
CA SER B 142 -0.39 21.76 10.62
C SER B 142 -0.41 20.68 11.73
N LYS B 143 -1.54 20.40 12.36
CA LYS B 143 -1.64 19.36 13.40
C LYS B 143 -1.77 17.95 12.78
N ILE B 144 -2.03 17.86 11.47
CA ILE B 144 -2.04 16.51 10.82
C ILE B 144 -0.61 16.05 10.59
N THR B 145 -0.26 14.94 11.20
CA THR B 145 1.11 14.42 11.21
C THR B 145 1.27 13.28 10.23
N HIS B 146 0.17 12.60 9.94
CA HIS B 146 0.22 11.35 9.12
C HIS B 146 -0.96 11.34 8.17
N LEU B 147 -0.77 10.76 6.97
CA LEU B 147 -1.84 10.57 5.99
C LEU B 147 -1.78 9.11 5.56
N VAL B 148 -2.91 8.46 5.56
CA VAL B 148 -3.09 7.10 5.00
C VAL B 148 -4.12 7.24 3.89
N PHE B 149 -3.76 6.91 2.66
CA PHE B 149 -4.67 7.03 1.48
C PHE B 149 -4.84 5.64 0.93
N CYS B 150 -6.09 5.24 0.75
CA CYS B 150 -6.48 3.92 0.26
C CYS B 150 -7.34 4.10 -0.99
N THR B 151 -7.03 3.32 -2.00
CA THR B 151 -7.94 3.24 -3.17
C THR B 151 -7.77 1.86 -3.80
N THR B 152 -8.71 1.54 -4.65
CA THR B 152 -8.62 0.35 -5.54
C THR B 152 -8.75 0.83 -7.00
N SER B 153 -8.69 2.13 -7.23
CA SER B 153 -9.04 2.77 -8.53
C SER B 153 -7.82 3.39 -9.20
N GLY B 154 -6.89 2.61 -9.75
CA GLY B 154 -5.71 3.16 -10.44
C GLY B 154 -4.50 3.20 -9.55
N VAL B 155 -3.30 3.19 -10.14
CA VAL B 155 -2.02 3.34 -9.41
C VAL B 155 -1.12 4.32 -10.14
N ASP B 156 -0.27 5.00 -9.40
CA ASP B 156 0.68 5.99 -9.98
C ASP B 156 1.80 6.30 -9.00
N MET B 157 2.88 6.85 -9.51
CA MET B 157 4.02 7.34 -8.66
C MET B 157 4.43 8.72 -9.12
N PRO B 158 4.48 9.74 -8.25
CA PRO B 158 3.99 9.68 -6.88
C PRO B 158 2.50 9.34 -6.79
N GLY B 159 2.06 8.86 -5.65
CA GLY B 159 0.71 8.34 -5.49
C GLY B 159 -0.32 9.41 -5.16
N ALA B 160 -1.52 8.94 -4.91
CA ALA B 160 -2.67 9.78 -4.53
C ALA B 160 -2.35 10.48 -3.21
N ASP B 161 -1.59 9.84 -2.35
CA ASP B 161 -1.21 10.44 -1.03
C ASP B 161 -0.43 11.76 -1.24
N TYR B 162 0.54 11.74 -2.14
CA TYR B 162 1.32 12.94 -2.58
C TYR B 162 0.35 13.97 -3.18
N GLN B 163 -0.52 13.52 -4.10
CA GLN B 163 -1.44 14.47 -4.79
C GLN B 163 -2.36 15.13 -3.75
N LEU B 164 -2.84 14.38 -2.76
CA LEU B 164 -3.74 14.98 -1.73
C LEU B 164 -2.98 15.91 -0.83
N THR B 165 -1.76 15.56 -0.43
CA THR B 165 -0.90 16.45 0.38
C THR B 165 -0.81 17.82 -0.30
N LYS B 166 -0.59 17.81 -1.62
CA LYS B 166 -0.48 19.04 -2.47
C LYS B 166 -1.84 19.75 -2.50
N LEU B 167 -2.95 19.04 -2.75
CA LEU B 167 -4.31 19.66 -2.86
C LEU B 167 -4.69 20.30 -1.53
N LEU B 168 -4.44 19.67 -0.40
CA LEU B 168 -4.91 20.21 0.90
C LEU B 168 -3.95 21.26 1.45
N GLY B 169 -2.67 21.23 1.06
CA GLY B 169 -1.62 22.03 1.68
C GLY B 169 -1.26 21.45 3.03
N LEU B 170 -1.15 20.12 3.14
CA LEU B 170 -0.55 19.48 4.34
C LEU B 170 0.93 19.83 4.41
N SER B 171 1.50 19.73 5.60
CA SER B 171 2.93 19.92 5.82
C SER B 171 3.71 19.00 4.89
N PRO B 172 4.82 19.45 4.26
CA PRO B 172 5.69 18.55 3.51
C PRO B 172 6.31 17.43 4.35
N THR B 173 6.27 17.54 5.69
CA THR B 173 6.81 16.53 6.59
C THR B 173 5.75 15.50 7.02
N VAL B 174 4.55 15.53 6.43
CA VAL B 174 3.47 14.56 6.75
C VAL B 174 3.99 13.18 6.41
N LYS B 175 3.89 12.24 7.34
CA LYS B 175 4.31 10.84 7.10
C LYS B 175 3.18 10.11 6.39
N ARG B 176 3.45 9.58 5.20
CA ARG B 176 2.39 9.05 4.31
C ARG B 176 2.49 7.54 4.15
N LEU B 177 1.31 6.93 4.05
CA LEU B 177 1.15 5.51 3.68
C LEU B 177 0.19 5.47 2.51
N MET B 178 0.68 4.92 1.39
CA MET B 178 -0.12 4.83 0.16
C MET B 178 -0.58 3.38 -0.01
N MET B 179 -1.87 3.12 0.14
CA MET B 179 -2.47 1.79 0.13
C MET B 179 -3.23 1.63 -1.20
N TYR B 180 -2.59 0.99 -2.14
CA TYR B 180 -3.14 0.83 -3.51
C TYR B 180 -3.67 -0.60 -3.73
N GLN B 181 -4.66 -0.73 -4.63
CA GLN B 181 -5.22 -2.04 -5.09
C GLN B 181 -5.66 -2.83 -3.85
N GLN B 182 -6.36 -2.21 -2.91
CA GLN B 182 -6.66 -2.81 -1.61
C GLN B 182 -7.95 -3.65 -1.68
N GLY B 183 -9.02 -3.09 -2.27
CA GLY B 183 -10.36 -3.74 -2.31
C GLY B 183 -11.17 -3.39 -1.09
N CYS B 184 -12.22 -4.16 -0.85
CA CYS B 184 -13.33 -3.72 -0.01
C CYS B 184 -12.99 -3.87 1.47
N PHE B 185 -11.84 -4.42 1.84
CA PHE B 185 -11.48 -4.41 3.28
C PHE B 185 -10.59 -3.22 3.60
N GLY B 186 -10.28 -2.39 2.60
CA GLY B 186 -9.35 -1.29 2.79
C GLY B 186 -9.80 -0.28 3.84
N GLY B 187 -11.09 -0.08 4.02
CA GLY B 187 -11.60 0.87 5.04
C GLY B 187 -11.26 0.36 6.43
N ALA B 188 -11.38 -0.95 6.65
CA ALA B 188 -10.97 -1.52 7.95
C ALA B 188 -9.45 -1.42 8.08
N THR B 189 -8.68 -1.69 7.01
CA THR B 189 -7.20 -1.69 7.02
C THR B 189 -6.67 -0.31 7.41
N VAL B 190 -7.25 0.78 6.88
CA VAL B 190 -6.69 2.13 7.20
C VAL B 190 -6.96 2.43 8.67
N LEU B 191 -8.03 1.91 9.24
CA LEU B 191 -8.32 2.15 10.68
C LEU B 191 -7.34 1.35 11.55
N ARG B 192 -7.01 0.13 11.17
CA ARG B 192 -6.01 -0.70 11.86
C ARG B 192 -4.66 0.01 11.80
N LEU B 193 -4.27 0.56 10.64
CA LEU B 193 -3.01 1.30 10.51
C LEU B 193 -3.01 2.56 11.36
N ALA B 194 -4.10 3.32 11.32
CA ALA B 194 -4.20 4.59 12.04
C ALA B 194 -4.15 4.28 13.55
N LYS B 195 -4.73 3.17 13.98
CA LYS B 195 -4.74 2.81 15.43
C LYS B 195 -3.30 2.69 15.93
N ASP B 196 -2.44 1.91 15.26
CA ASP B 196 -1.05 1.71 15.71
C ASP B 196 -0.25 3.02 15.60
N ILE B 197 -0.43 3.81 14.54
CA ILE B 197 0.26 5.10 14.42
C ILE B 197 -0.17 6.02 15.55
N ALA B 198 -1.46 6.14 15.78
CA ALA B 198 -2.00 7.18 16.71
C ALA B 198 -1.55 6.81 18.13
N GLU B 199 -1.58 5.53 18.46
CA GLU B 199 -1.26 5.04 19.84
C GLU B 199 0.25 5.08 20.09
N ASN B 200 1.09 4.88 19.07
CA ASN B 200 2.54 4.74 19.28
C ASN B 200 3.27 6.08 19.21
N ASN B 201 2.59 7.17 18.87
CA ASN B 201 3.20 8.47 18.56
C ASN B 201 2.44 9.57 19.28
N ARG B 202 2.97 10.07 20.39
CA ARG B 202 2.31 11.15 21.13
C ARG B 202 2.09 12.38 20.23
N GLY B 203 0.87 12.90 20.30
CA GLY B 203 0.40 14.06 19.52
C GLY B 203 0.04 13.69 18.08
N ALA B 204 0.23 12.44 17.64
CA ALA B 204 -0.06 12.16 16.21
C ALA B 204 -1.55 12.37 15.94
N ARG B 205 -1.87 12.93 14.77
CA ARG B 205 -3.22 13.06 14.26
C ARG B 205 -3.15 12.52 12.83
N VAL B 206 -3.89 11.46 12.60
CA VAL B 206 -3.83 10.70 11.32
C VAL B 206 -5.05 11.11 10.50
N LEU B 207 -4.82 11.59 9.26
CA LEU B 207 -5.88 11.71 8.27
C LEU B 207 -5.93 10.42 7.46
N VAL B 208 -7.08 9.74 7.48
CA VAL B 208 -7.30 8.51 6.67
C VAL B 208 -8.28 8.91 5.58
N VAL B 209 -8.06 8.43 4.36
CA VAL B 209 -8.89 8.80 3.21
C VAL B 209 -8.99 7.53 2.38
N CYS B 210 -10.21 7.15 2.05
CA CYS B 210 -10.52 6.06 1.10
C CYS B 210 -11.29 6.70 -0.05
N SER B 211 -10.89 6.46 -1.27
CA SER B 211 -11.52 7.15 -2.41
C SER B 211 -11.62 6.19 -3.58
N GLU B 212 -12.79 6.07 -4.16
CA GLU B 212 -13.01 5.05 -5.21
C GLU B 212 -13.78 5.65 -6.40
N ILE B 213 -13.27 5.36 -7.58
CA ILE B 213 -13.84 5.84 -8.88
C ILE B 213 -13.91 4.61 -9.78
N THR B 214 -15.12 4.20 -10.14
CA THR B 214 -15.40 2.96 -10.93
C THR B 214 -15.07 3.10 -12.42
N ALA B 215 -14.57 4.24 -12.89
CA ALA B 215 -14.03 4.40 -14.28
C ALA B 215 -12.97 3.34 -14.58
N MET B 216 -12.22 2.84 -13.59
CA MET B 216 -11.21 1.81 -13.81
C MET B 216 -11.82 0.48 -14.25
N ALA B 217 -13.05 0.15 -13.81
CA ALA B 217 -13.66 -1.18 -13.96
C ALA B 217 -14.85 -1.18 -14.96
N PHE B 218 -15.44 -0.02 -15.23
CA PHE B 218 -16.66 0.08 -16.07
C PHE B 218 -16.35 -0.53 -17.43
N ARG B 219 -17.23 -1.40 -17.91
CA ARG B 219 -17.04 -1.98 -19.27
C ARG B 219 -18.39 -2.52 -19.77
N GLY B 220 -18.47 -2.76 -21.06
CA GLY B 220 -19.69 -3.34 -21.63
C GLY B 220 -19.89 -4.78 -21.18
N PRO B 221 -21.16 -5.27 -21.31
CA PRO B 221 -21.48 -6.62 -20.89
C PRO B 221 -21.06 -7.69 -21.88
N CYS B 222 -20.86 -8.89 -21.37
CA CYS B 222 -20.50 -10.09 -22.14
C CYS B 222 -21.09 -11.32 -21.45
N LYS B 223 -21.71 -12.21 -22.23
CA LYS B 223 -22.35 -13.45 -21.72
C LYS B 223 -21.32 -14.35 -21.04
N SER B 224 -20.05 -14.24 -21.41
CA SER B 224 -18.93 -15.03 -20.83
C SER B 224 -18.51 -14.52 -19.44
N HIS B 225 -18.98 -13.36 -18.96
CA HIS B 225 -18.50 -12.76 -17.69
C HIS B 225 -19.70 -12.24 -16.89
N LEU B 226 -20.51 -13.15 -16.35
CA LEU B 226 -21.74 -12.79 -15.61
C LEU B 226 -21.36 -12.16 -14.28
N ASP B 227 -20.19 -12.49 -13.74
CA ASP B 227 -19.74 -11.84 -12.47
C ASP B 227 -19.42 -10.35 -12.70
N SER B 228 -18.93 -9.96 -13.89
CA SER B 228 -18.81 -8.53 -14.29
C SER B 228 -20.18 -7.84 -14.21
N LEU B 229 -21.25 -8.51 -14.66
CA LEU B 229 -22.61 -7.93 -14.62
C LEU B 229 -22.97 -7.61 -13.16
N VAL B 230 -22.66 -8.52 -12.26
CA VAL B 230 -22.97 -8.30 -10.82
C VAL B 230 -22.23 -7.03 -10.34
N GLY B 231 -20.97 -6.89 -10.68
CA GLY B 231 -20.18 -5.68 -10.33
C GLY B 231 -20.84 -4.43 -10.84
N HIS B 232 -21.34 -4.46 -12.08
CA HIS B 232 -22.01 -3.28 -12.64
C HIS B 232 -23.36 -2.95 -12.01
N ALA B 233 -23.98 -3.89 -11.27
CA ALA B 233 -25.25 -3.63 -10.57
C ALA B 233 -24.92 -3.01 -9.21
N LEU B 234 -23.72 -3.22 -8.68
CA LEU B 234 -23.45 -2.92 -7.24
C LEU B 234 -22.49 -1.74 -7.03
N PHE B 235 -21.39 -1.63 -7.77
CA PHE B 235 -20.28 -0.70 -7.39
C PHE B 235 -20.65 0.73 -7.75
N GLY B 236 -20.41 1.65 -6.82
CA GLY B 236 -20.51 3.09 -7.02
C GLY B 236 -19.27 3.84 -6.58
N ASP B 237 -19.29 5.16 -6.72
CA ASP B 237 -18.10 6.02 -6.47
C ASP B 237 -18.31 6.73 -5.13
N GLY B 238 -17.23 7.06 -4.46
CA GLY B 238 -17.36 7.78 -3.18
C GLY B 238 -16.01 7.86 -2.48
N ALA B 239 -15.91 8.82 -1.58
CA ALA B 239 -14.72 8.98 -0.73
C ALA B 239 -15.17 9.31 0.68
N ALA B 240 -14.37 8.81 1.61
CA ALA B 240 -14.63 9.08 3.04
C ALA B 240 -13.29 9.38 3.67
N ALA B 241 -13.32 10.23 4.70
CA ALA B 241 -12.13 10.62 5.45
C ALA B 241 -12.46 10.66 6.93
N ALA B 242 -11.45 10.39 7.75
CA ALA B 242 -11.55 10.51 9.21
C ALA B 242 -10.25 11.08 9.76
N ILE B 243 -10.38 11.74 10.92
CA ILE B 243 -9.19 12.13 11.70
C ILE B 243 -9.13 11.21 12.90
N ILE B 244 -7.99 10.55 13.08
CA ILE B 244 -7.75 9.59 14.18
C ILE B 244 -6.64 10.14 15.09
N GLY B 245 -6.87 10.09 16.40
CA GLY B 245 -5.88 10.47 17.38
C GLY B 245 -6.11 9.76 18.69
N ALA B 246 -5.03 9.58 19.45
CA ALA B 246 -5.14 9.12 20.84
C ALA B 246 -5.06 10.35 21.77
N ASP B 247 -5.58 10.25 22.98
CA ASP B 247 -5.47 11.35 23.99
C ASP B 247 -6.09 12.63 23.43
N PRO B 248 -7.40 12.63 23.13
CA PRO B 248 -8.07 13.79 22.56
C PRO B 248 -8.01 14.97 23.54
N ASP B 249 -7.87 16.17 23.01
CA ASP B 249 -7.79 17.41 23.80
C ASP B 249 -9.17 17.61 24.44
N GLN B 250 -9.22 17.77 25.76
CA GLN B 250 -10.49 17.88 26.53
C GLN B 250 -11.31 19.06 26.00
N LEU B 251 -10.65 20.17 25.63
CA LEU B 251 -11.36 21.42 25.29
C LEU B 251 -11.66 21.47 23.79
N ASP B 252 -10.82 20.88 22.94
CA ASP B 252 -10.77 21.26 21.51
C ASP B 252 -11.23 20.09 20.61
N GLU B 253 -11.33 18.89 21.11
CA GLU B 253 -11.60 17.67 20.26
C GLU B 253 -12.74 16.92 20.94
N GLN B 254 -13.52 16.22 20.17
CA GLN B 254 -14.71 15.47 20.66
C GLN B 254 -14.72 14.13 19.96
N PRO B 255 -14.47 13.06 20.69
CA PRO B 255 -14.41 11.72 20.11
C PRO B 255 -15.80 11.33 19.59
N VAL B 256 -15.78 10.40 18.63
CA VAL B 256 -16.97 9.88 17.96
C VAL B 256 -17.03 8.37 18.20
N PHE B 257 -15.90 7.68 18.01
CA PHE B 257 -15.76 6.21 18.25
C PHE B 257 -14.36 5.94 18.76
N GLN B 258 -14.15 4.90 19.57
CA GLN B 258 -12.82 4.40 19.91
C GLN B 258 -12.53 3.15 19.12
N LEU B 259 -11.27 2.99 18.74
CA LEU B 259 -10.76 1.79 18.03
C LEU B 259 -10.12 0.87 19.08
N VAL B 260 -10.79 -0.23 19.38
CA VAL B 260 -10.37 -1.09 20.53
C VAL B 260 -9.42 -2.18 20.08
N SER B 261 -9.73 -2.90 18.99
CA SER B 261 -8.86 -4.00 18.53
C SER B 261 -9.11 -4.22 17.05
N ALA B 262 -8.15 -4.84 16.37
CA ALA B 262 -8.24 -5.02 14.91
C ALA B 262 -7.67 -6.39 14.60
N SER B 263 -8.40 -7.23 13.88
CA SER B 263 -7.99 -8.59 13.52
C SER B 263 -8.24 -8.79 12.02
N GLN B 264 -7.61 -9.81 11.47
CA GLN B 264 -7.73 -10.08 10.04
C GLN B 264 -7.60 -11.61 9.89
N THR B 265 -8.38 -12.22 9.00
CA THR B 265 -8.25 -13.65 8.74
C THR B 265 -8.57 -13.96 7.29
N ILE B 266 -7.93 -15.00 6.77
CA ILE B 266 -8.26 -15.59 5.47
C ILE B 266 -9.22 -16.76 5.72
N LEU B 267 -10.37 -16.75 5.03
CA LEU B 267 -11.43 -17.76 5.25
C LEU B 267 -10.98 -19.09 4.66
N PRO B 268 -11.21 -20.22 5.37
CA PRO B 268 -10.93 -21.53 4.79
C PRO B 268 -11.73 -21.75 3.51
N GLU B 269 -11.16 -22.51 2.59
CA GLU B 269 -11.82 -22.97 1.34
C GLU B 269 -12.31 -21.79 0.51
N SER B 270 -11.59 -20.65 0.50
CA SER B 270 -12.11 -19.43 -0.18
C SER B 270 -11.20 -19.00 -1.33
N GLU B 271 -10.26 -19.84 -1.72
CA GLU B 271 -9.27 -19.51 -2.78
C GLU B 271 -10.03 -19.10 -4.04
N GLY B 272 -9.73 -17.91 -4.60
CA GLY B 272 -10.34 -17.49 -5.87
C GLY B 272 -11.74 -16.92 -5.74
N ALA B 273 -12.32 -16.79 -4.53
CA ALA B 273 -13.70 -16.31 -4.37
C ALA B 273 -13.82 -14.88 -4.91
N ILE B 274 -12.81 -14.01 -4.70
CA ILE B 274 -12.88 -12.58 -5.10
C ILE B 274 -11.50 -12.25 -5.65
N ASP B 275 -11.35 -12.10 -6.96
CA ASP B 275 -10.06 -11.73 -7.58
C ASP B 275 -10.29 -10.44 -8.38
N GLY B 276 -9.26 -9.61 -8.49
CA GLY B 276 -9.33 -8.42 -9.35
C GLY B 276 -7.98 -8.23 -10.01
N HIS B 277 -7.97 -8.05 -11.32
CA HIS B 277 -6.71 -7.91 -12.09
C HIS B 277 -6.67 -6.54 -12.73
N LEU B 278 -5.53 -5.88 -12.66
CA LEU B 278 -5.33 -4.61 -13.36
C LEU B 278 -4.64 -4.97 -14.69
N THR B 279 -5.36 -4.81 -15.80
CA THR B 279 -4.98 -5.37 -17.11
C THR B 279 -4.93 -4.21 -18.12
N GLU B 280 -4.48 -4.51 -19.34
CA GLU B 280 -4.54 -3.60 -20.49
C GLU B 280 -5.96 -3.06 -20.69
N ALA B 281 -7.00 -3.78 -20.26
CA ALA B 281 -8.41 -3.38 -20.44
C ALA B 281 -8.97 -2.80 -19.13
N GLY B 282 -8.11 -2.41 -18.19
CA GLY B 282 -8.58 -1.85 -16.90
C GLY B 282 -8.73 -2.93 -15.84
N LEU B 283 -9.49 -2.60 -14.81
CA LEU B 283 -9.68 -3.49 -13.63
C LEU B 283 -10.82 -4.47 -13.93
N THR B 284 -10.53 -5.75 -13.92
CA THR B 284 -11.53 -6.83 -14.08
C THR B 284 -11.77 -7.50 -12.73
N ILE B 285 -13.01 -7.91 -12.51
CA ILE B 285 -13.46 -8.50 -11.21
C ILE B 285 -13.94 -9.93 -11.49
N HIS B 286 -13.59 -10.86 -10.62
CA HIS B 286 -13.93 -12.30 -10.71
C HIS B 286 -14.57 -12.63 -9.35
N LEU B 287 -15.89 -12.90 -9.33
CA LEU B 287 -16.74 -12.97 -8.11
C LEU B 287 -17.49 -14.28 -8.14
N LEU B 288 -17.23 -15.22 -7.23
CA LEU B 288 -17.94 -16.53 -7.14
C LEU B 288 -19.29 -16.34 -6.41
N LYS B 289 -20.31 -17.12 -6.81
CA LYS B 289 -21.64 -17.13 -6.14
C LYS B 289 -21.51 -17.55 -4.67
N ASP B 290 -20.38 -18.17 -4.29
CA ASP B 290 -20.07 -18.71 -2.95
C ASP B 290 -19.81 -17.61 -1.87
N VAL B 291 -19.67 -16.36 -2.26
CA VAL B 291 -19.16 -15.31 -1.34
C VAL B 291 -20.07 -15.11 -0.12
N PRO B 292 -21.37 -14.88 -0.30
CA PRO B 292 -22.23 -14.68 0.87
C PRO B 292 -22.23 -15.88 1.84
N GLY B 293 -22.21 -17.10 1.29
CA GLY B 293 -22.09 -18.32 2.11
C GLY B 293 -20.78 -18.38 2.88
N LEU B 294 -19.66 -18.15 2.22
CA LEU B 294 -18.33 -18.19 2.87
C LEU B 294 -18.27 -17.17 4.00
N ILE B 295 -18.76 -15.96 3.76
CA ILE B 295 -18.67 -14.94 4.84
C ILE B 295 -19.57 -15.33 6.02
N SER B 296 -20.82 -15.63 5.74
CA SER B 296 -21.82 -15.93 6.79
C SER B 296 -21.40 -17.18 7.57
N GLU B 297 -20.75 -18.19 6.95
CA GLU B 297 -20.30 -19.43 7.64
C GLU B 297 -19.14 -19.17 8.61
N ASN B 298 -18.43 -18.05 8.51
CA ASN B 298 -17.18 -17.80 9.28
C ASN B 298 -17.38 -16.60 10.21
N ILE B 299 -18.46 -15.88 10.07
CA ILE B 299 -18.62 -14.63 10.85
C ILE B 299 -18.76 -14.88 12.35
N GLU B 300 -19.42 -15.95 12.75
N GLU B 300 -19.44 -15.93 12.82
CA GLU B 300 -19.60 -16.27 14.19
CA GLU B 300 -19.59 -16.11 14.29
C GLU B 300 -18.24 -16.44 14.87
C GLU B 300 -18.23 -16.44 14.92
N GLN B 301 -17.35 -17.19 14.24
CA GLN B 301 -15.99 -17.41 14.74
C GLN B 301 -15.23 -16.08 14.86
N ALA B 302 -15.37 -15.16 13.89
CA ALA B 302 -14.69 -13.86 13.94
C ALA B 302 -15.23 -13.05 15.14
N LEU B 303 -16.55 -13.11 15.38
CA LEU B 303 -17.18 -12.40 16.53
C LEU B 303 -16.61 -13.00 17.83
N GLU B 304 -16.56 -14.32 17.95
CA GLU B 304 -16.07 -14.98 19.20
C GLU B 304 -14.61 -14.60 19.46
N ASP B 305 -13.77 -14.63 18.42
CA ASP B 305 -12.32 -14.29 18.52
C ASP B 305 -12.17 -12.85 19.05
N ALA B 306 -12.97 -11.91 18.54
CA ALA B 306 -12.88 -10.47 18.89
C ALA B 306 -13.48 -10.20 20.27
N PHE B 307 -14.57 -10.87 20.65
CA PHE B 307 -15.42 -10.42 21.79
C PHE B 307 -15.32 -11.34 23.03
N GLU B 308 -14.96 -12.60 22.85
CA GLU B 308 -14.81 -13.52 24.01
C GLU B 308 -13.85 -12.90 25.04
N PRO B 309 -12.71 -12.28 24.64
CA PRO B 309 -11.84 -11.64 25.62
C PRO B 309 -12.46 -10.48 26.40
N LEU B 310 -13.57 -9.89 25.95
CA LEU B 310 -14.33 -8.80 26.62
C LEU B 310 -15.54 -9.39 27.33
N GLY B 311 -15.75 -10.71 27.27
CA GLY B 311 -16.94 -11.35 27.91
C GLY B 311 -18.25 -10.98 27.23
N ILE B 312 -18.22 -10.67 25.92
CA ILE B 312 -19.48 -10.34 25.17
C ILE B 312 -19.83 -11.53 24.29
N HIS B 313 -21.11 -11.95 24.28
CA HIS B 313 -21.59 -13.18 23.58
C HIS B 313 -22.85 -12.86 22.78
N ASN B 314 -23.61 -11.83 23.16
CA ASN B 314 -24.90 -11.55 22.51
C ASN B 314 -24.71 -10.56 21.34
N TRP B 315 -24.83 -11.02 20.10
CA TRP B 315 -24.54 -10.17 18.92
C TRP B 315 -25.61 -9.12 18.66
N ASN B 316 -26.75 -9.16 19.34
CA ASN B 316 -27.77 -8.09 19.35
C ASN B 316 -27.49 -7.03 20.38
N SER B 317 -26.47 -7.19 21.20
CA SER B 317 -26.17 -6.17 22.23
C SER B 317 -25.06 -5.22 21.76
N ILE B 318 -24.57 -5.40 20.53
CA ILE B 318 -23.46 -4.55 19.98
C ILE B 318 -23.97 -3.83 18.73
N PHE B 319 -23.38 -2.70 18.36
CA PHE B 319 -23.77 -2.03 17.08
C PHE B 319 -22.94 -2.67 15.97
N TRP B 320 -23.46 -2.58 14.74
CA TRP B 320 -22.86 -3.29 13.59
C TRP B 320 -22.50 -2.31 12.46
N ILE B 321 -21.23 -2.34 12.05
CA ILE B 321 -20.77 -1.61 10.84
C ILE B 321 -20.32 -2.71 9.86
N ALA B 322 -21.18 -3.19 8.99
CA ALA B 322 -20.83 -4.27 8.05
C ALA B 322 -20.59 -3.67 6.67
N HIS B 323 -19.48 -4.00 6.05
CA HIS B 323 -19.24 -3.54 4.65
C HIS B 323 -20.44 -3.98 3.80
N PRO B 324 -21.14 -3.05 3.14
CA PRO B 324 -22.31 -3.40 2.33
C PRO B 324 -21.90 -3.93 0.96
N GLY B 325 -21.32 -5.11 0.93
CA GLY B 325 -20.78 -5.66 -0.33
C GLY B 325 -21.89 -5.97 -1.31
N GLY B 326 -23.04 -6.32 -0.77
CA GLY B 326 -24.27 -6.54 -1.54
C GLY B 326 -25.35 -7.01 -0.58
N PRO B 327 -26.60 -7.08 -1.04
CA PRO B 327 -27.70 -7.45 -0.13
C PRO B 327 -27.62 -8.90 0.34
N ALA B 328 -27.09 -9.82 -0.48
CA ALA B 328 -27.00 -11.23 -0.06
C ALA B 328 -26.05 -11.37 1.13
N ILE B 329 -24.94 -10.64 1.14
CA ILE B 329 -23.96 -10.79 2.27
C ILE B 329 -24.66 -10.33 3.55
N LEU B 330 -25.32 -9.18 3.53
CA LEU B 330 -25.96 -8.62 4.75
C LEU B 330 -27.08 -9.62 5.19
N ASP B 331 -27.89 -10.10 4.25
CA ASP B 331 -29.02 -11.02 4.58
C ASP B 331 -28.50 -12.33 5.17
N ARG B 332 -27.48 -12.93 4.57
CA ARG B 332 -26.95 -14.23 5.05
C ARG B 332 -26.29 -14.06 6.44
N VAL B 333 -25.58 -12.97 6.65
CA VAL B 333 -24.94 -12.72 7.98
C VAL B 333 -26.04 -12.56 9.02
N GLU B 334 -27.00 -11.71 8.75
CA GLU B 334 -28.13 -11.41 9.69
C GLU B 334 -28.81 -12.72 10.08
N ASP B 335 -29.07 -13.58 9.10
CA ASP B 335 -29.82 -14.84 9.39
C ASP B 335 -28.93 -15.84 10.13
N ARG B 336 -27.66 -15.98 9.80
CA ARG B 336 -26.77 -16.98 10.42
C ARG B 336 -26.51 -16.61 11.88
N VAL B 337 -26.36 -15.34 12.16
CA VAL B 337 -25.97 -14.80 13.50
C VAL B 337 -27.23 -14.60 14.34
N GLY B 338 -28.40 -14.50 13.69
CA GLY B 338 -29.68 -14.21 14.35
C GLY B 338 -29.84 -12.77 14.75
N LEU B 339 -29.45 -11.84 13.89
CA LEU B 339 -29.61 -10.41 14.26
C LEU B 339 -31.06 -9.98 14.07
N ASP B 340 -31.53 -9.15 14.98
CA ASP B 340 -32.70 -8.30 14.77
C ASP B 340 -32.44 -7.40 13.54
N LYS B 341 -33.46 -7.16 12.73
CA LYS B 341 -33.35 -6.28 11.51
C LYS B 341 -32.82 -4.87 11.81
N LYS B 342 -32.97 -4.35 13.03
CA LYS B 342 -32.40 -3.05 13.45
C LYS B 342 -30.86 -3.02 13.25
N ARG B 343 -30.16 -4.15 13.39
CA ARG B 343 -28.69 -4.14 13.54
C ARG B 343 -28.05 -3.69 12.21
N MET B 344 -28.62 -4.13 11.09
CA MET B 344 -28.03 -3.86 9.74
C MET B 344 -28.60 -2.59 9.11
N ARG B 345 -29.42 -1.82 9.80
CA ARG B 345 -30.12 -0.66 9.21
C ARG B 345 -29.10 0.34 8.61
N ALA B 346 -28.05 0.74 9.35
CA ALA B 346 -27.07 1.74 8.85
C ALA B 346 -26.35 1.17 7.61
N SER B 347 -25.95 -0.10 7.63
CA SER B 347 -25.24 -0.72 6.48
C SER B 347 -26.18 -0.70 5.26
N ARG B 348 -27.46 -1.05 5.49
CA ARG B 348 -28.44 -1.12 4.35
C ARG B 348 -28.75 0.28 3.84
N GLU B 349 -28.73 1.27 4.70
CA GLU B 349 -28.98 2.66 4.25
C GLU B 349 -27.86 3.12 3.30
N VAL B 350 -26.59 2.82 3.64
CA VAL B 350 -25.44 3.13 2.75
C VAL B 350 -25.62 2.35 1.43
N LEU B 351 -25.94 1.07 1.49
CA LEU B 351 -26.14 0.28 0.23
C LEU B 351 -27.24 0.96 -0.60
N SER B 352 -28.36 1.31 0.04
CA SER B 352 -29.50 1.93 -0.68
C SER B 352 -29.08 3.24 -1.37
N GLU B 353 -28.38 4.12 -0.64
CA GLU B 353 -28.16 5.50 -1.08
C GLU B 353 -26.90 5.64 -1.94
N TYR B 354 -25.96 4.68 -1.94
CA TYR B 354 -24.62 4.87 -2.55
C TYR B 354 -24.14 3.63 -3.27
N GLY B 355 -24.80 2.48 -3.10
CA GLY B 355 -24.25 1.19 -3.53
C GLY B 355 -23.00 0.79 -2.78
N ASN B 356 -22.21 -0.07 -3.38
CA ASN B 356 -20.94 -0.61 -2.81
C ASN B 356 -19.79 0.32 -3.26
N MET B 357 -19.25 1.13 -2.37
CA MET B 357 -18.15 2.08 -2.70
C MET B 357 -16.80 1.50 -2.26
N SER B 358 -16.64 0.19 -2.29
CA SER B 358 -15.39 -0.50 -1.99
C SER B 358 -14.85 0.02 -0.66
N SER B 359 -13.58 0.45 -0.63
CA SER B 359 -12.92 0.72 0.65
C SER B 359 -13.58 1.87 1.42
N ALA B 360 -14.27 2.78 0.77
CA ALA B 360 -14.89 3.94 1.48
C ALA B 360 -16.13 3.54 2.30
N SER B 361 -16.78 2.44 1.97
CA SER B 361 -18.17 2.14 2.42
C SER B 361 -18.26 2.13 3.96
N VAL B 362 -17.36 1.48 4.66
CA VAL B 362 -17.55 1.35 6.13
C VAL B 362 -17.52 2.71 6.80
N LEU B 363 -16.71 3.66 6.32
CA LEU B 363 -16.68 5.01 6.93
C LEU B 363 -18.01 5.72 6.69
N PHE B 364 -18.67 5.52 5.55
CA PHE B 364 -20.00 6.11 5.36
C PHE B 364 -20.97 5.49 6.37
N VAL B 365 -20.86 4.18 6.61
CA VAL B 365 -21.76 3.50 7.56
C VAL B 365 -21.53 4.09 8.96
N LEU B 366 -20.28 4.30 9.34
CA LEU B 366 -19.98 4.88 10.69
C LEU B 366 -20.62 6.24 10.77
N ASP B 367 -20.52 7.03 9.70
CA ASP B 367 -21.07 8.40 9.69
C ASP B 367 -22.60 8.32 9.79
N VAL B 368 -23.24 7.44 9.01
CA VAL B 368 -24.73 7.29 9.07
C VAL B 368 -25.14 6.85 10.48
N MET B 369 -24.40 5.94 11.07
CA MET B 369 -24.75 5.39 12.39
C MET B 369 -24.70 6.52 13.43
N ARG B 370 -23.63 7.32 13.44
CA ARG B 370 -23.51 8.34 14.54
C ARG B 370 -24.54 9.45 14.29
N LYS B 371 -24.82 9.79 13.05
CA LYS B 371 -25.80 10.88 12.74
C LYS B 371 -27.22 10.41 13.08
N SER B 372 -27.59 9.19 12.73
CA SER B 372 -28.98 8.74 12.99
C SER B 372 -29.15 8.47 14.49
N SER B 373 -28.11 8.08 15.22
CA SER B 373 -28.16 7.87 16.69
C SER B 373 -28.53 9.20 17.35
N ALA B 374 -27.85 10.30 16.99
CA ALA B 374 -28.10 11.65 17.54
C ALA B 374 -29.53 12.10 17.16
N LYS B 375 -29.93 11.92 15.92
CA LYS B 375 -31.25 12.36 15.40
C LYS B 375 -32.37 11.63 16.15
N ASP B 376 -32.19 10.34 16.49
CA ASP B 376 -33.22 9.52 17.20
C ASP B 376 -33.13 9.66 18.72
N GLY B 377 -32.28 10.55 19.24
CA GLY B 377 -32.07 10.78 20.70
C GLY B 377 -31.59 9.55 21.43
N LEU B 378 -30.70 8.72 20.83
CA LEU B 378 -30.15 7.56 21.53
C LEU B 378 -28.97 8.02 22.41
N ALA B 379 -28.55 7.20 23.37
CA ALA B 379 -27.63 7.61 24.45
C ALA B 379 -26.16 7.56 24.00
N THR B 380 -25.85 6.89 22.88
CA THR B 380 -24.45 6.76 22.39
C THR B 380 -24.42 6.88 20.86
N THR B 381 -23.23 7.13 20.35
CA THR B 381 -23.02 7.27 18.87
C THR B 381 -23.23 5.92 18.20
N GLY B 382 -23.25 4.84 18.96
CA GLY B 382 -23.49 3.46 18.46
C GLY B 382 -24.90 2.95 18.76
N GLU B 383 -25.94 3.68 18.38
CA GLU B 383 -27.37 3.28 18.53
C GLU B 383 -27.69 2.95 20.00
N GLY B 384 -27.01 3.60 20.93
CA GLY B 384 -27.25 3.44 22.38
C GLY B 384 -26.49 2.27 22.95
N LYS B 385 -25.77 1.51 22.12
CA LYS B 385 -24.92 0.40 22.59
C LYS B 385 -23.52 0.93 22.93
N ASP B 386 -22.83 0.20 23.79
CA ASP B 386 -21.46 0.57 24.18
C ASP B 386 -20.44 0.00 23.19
N TRP B 387 -20.55 -1.24 22.85
CA TRP B 387 -19.56 -1.98 22.03
C TRP B 387 -20.11 -2.18 20.61
N GLY B 388 -19.21 -2.21 19.64
CA GLY B 388 -19.63 -2.39 18.23
C GLY B 388 -18.61 -3.22 17.48
N VAL B 389 -18.98 -3.64 16.27
CA VAL B 389 -18.08 -4.43 15.43
C VAL B 389 -18.10 -3.80 14.03
N LEU B 390 -16.93 -3.68 13.44
CA LEU B 390 -16.82 -3.22 12.03
C LEU B 390 -16.18 -4.39 11.28
N PHE B 391 -16.76 -4.73 10.12
CA PHE B 391 -16.27 -5.81 9.27
C PHE B 391 -15.97 -5.27 7.88
N GLY B 392 -14.78 -5.58 7.37
CA GLY B 392 -14.42 -5.40 5.96
C GLY B 392 -14.25 -6.74 5.32
N PHE B 393 -14.60 -6.89 4.04
CA PHE B 393 -14.58 -8.18 3.32
C PHE B 393 -13.89 -7.92 2.00
N GLY B 394 -13.06 -8.83 1.54
CA GLY B 394 -12.47 -8.60 0.21
C GLY B 394 -11.63 -9.77 -0.21
N PRO B 395 -10.82 -9.56 -1.28
CA PRO B 395 -10.01 -10.63 -1.85
C PRO B 395 -9.21 -11.43 -0.81
N GLY B 396 -9.22 -12.76 -1.00
CA GLY B 396 -8.49 -13.65 -0.09
C GLY B 396 -9.12 -15.04 -0.01
N LEU B 397 -10.34 -15.18 0.50
CA LEU B 397 -11.24 -14.14 0.94
C LEU B 397 -10.80 -13.68 2.32
N THR B 398 -10.65 -12.37 2.48
CA THR B 398 -10.18 -11.76 3.73
C THR B 398 -11.37 -11.19 4.47
N VAL B 399 -11.41 -11.40 5.79
CA VAL B 399 -12.36 -10.68 6.66
C VAL B 399 -11.52 -9.91 7.66
N GLU B 400 -11.76 -8.61 7.74
CA GLU B 400 -11.14 -7.77 8.78
C GLU B 400 -12.21 -7.44 9.82
N THR B 401 -11.87 -7.55 11.10
CA THR B 401 -12.80 -7.38 12.21
C THR B 401 -12.21 -6.36 13.18
N LEU B 402 -12.87 -5.22 13.36
CA LEU B 402 -12.45 -4.23 14.36
C LEU B 402 -13.50 -4.21 15.48
N VAL B 403 -13.05 -4.15 16.73
CA VAL B 403 -13.96 -3.83 17.85
C VAL B 403 -13.95 -2.34 18.06
N LEU B 404 -15.12 -1.75 18.19
CA LEU B 404 -15.34 -0.31 18.44
C LEU B 404 -15.97 -0.11 19.81
N HIS B 405 -15.84 1.10 20.31
CA HIS B 405 -16.62 1.57 21.49
C HIS B 405 -17.25 2.88 21.06
N SER B 406 -18.50 3.08 21.45
CA SER B 406 -19.25 4.31 21.20
C SER B 406 -18.81 5.34 22.22
N VAL B 407 -19.36 6.54 22.07
CA VAL B 407 -19.18 7.60 23.10
C VAL B 407 -20.58 8.09 23.45
N PRO B 408 -20.78 8.69 24.65
CA PRO B 408 -22.09 9.25 24.98
C PRO B 408 -22.56 10.39 24.06
N VAL B 409 -23.88 10.52 23.84
CA VAL B 409 -24.50 11.66 23.10
C VAL B 409 -25.13 12.66 24.12
N1A COA C . 18.34 11.74 -18.25
C2A COA C . 18.98 11.63 -19.42
N3A COA C . 20.28 11.42 -19.66
C4A COA C . 20.97 11.38 -18.51
C5A COA C . 20.45 11.47 -17.22
C6A COA C . 19.05 11.65 -17.10
N6A COA C . 18.42 11.77 -15.94
N7A COA C . 21.46 11.35 -16.25
C8A COA C . 22.56 11.19 -16.97
N9A COA C . 22.32 11.19 -18.34
C1B COA C . 23.30 11.09 -19.45
C2B COA C . 24.17 12.35 -19.64
O2B COA C . 23.47 13.38 -20.32
C3B COA C . 25.32 11.75 -20.47
O3B COA C . 24.93 11.71 -21.86
P3B COA C . 26.16 12.07 -22.95
O7A COA C . 25.70 11.61 -24.33
O8A COA C . 27.45 11.36 -22.54
O9A COA C . 26.14 13.60 -22.77
C4B COA C . 25.46 10.32 -19.91
O4B COA C . 24.21 10.06 -19.19
C5B COA C . 26.62 10.12 -18.96
O5B COA C . 26.55 11.18 -17.97
P1A COA C . 27.84 11.90 -17.31
O1A COA C . 27.36 13.14 -16.64
O2A COA C . 29.01 11.87 -18.24
O3A COA C . 28.19 10.77 -16.23
P2A COA C . 27.68 10.78 -14.72
O4A COA C . 28.89 11.03 -13.88
O5A COA C . 26.56 11.76 -14.57
O6A COA C . 27.20 9.23 -14.56
CBP COA C . 25.02 8.13 -14.27
CCP COA C . 26.01 8.72 -15.29
CDP COA C . 23.73 7.79 -15.03
CEP COA C . 25.59 6.84 -13.69
CAP COA C . 24.75 9.16 -13.17
OAP COA C . 24.32 10.32 -13.89
C9P COA C . 23.72 8.89 -12.07
O9P COA C . 24.00 8.22 -11.07
N8P COA C . 22.53 9.44 -12.20
C7P COA C . 21.37 8.79 -11.63
C6P COA C . 20.83 9.53 -10.48
C5P COA C . 19.39 9.06 -10.39
O5P COA C . 18.47 9.73 -10.85
N4P COA C . 19.16 7.89 -9.81
C3P COA C . 17.90 7.64 -9.12
C2P COA C . 17.11 6.59 -9.81
S1P COA C . 15.42 6.76 -9.19
H2A COA C . 18.43 11.68 -20.22
H61A COA C . 18.88 11.68 -15.16
H62A COA C . 17.55 11.93 -15.91
H8A COA C . 23.45 11.09 -16.56
H1B COA C . 22.81 10.90 -20.29
H2B COA C . 24.50 12.67 -18.77
HO2A COA C . 23.78 13.50 -21.13
H3B COA C . 26.15 12.27 -20.35
H4B COA C . 25.54 9.68 -20.65
H51A COA C . 27.48 10.16 -19.46
H52A COA C . 26.55 9.23 -18.52
H121 COA C . 26.29 8.02 -15.93
H122 COA C . 25.59 9.45 -15.78
H131 COA C . 22.98 8.32 -14.67
H132 COA C . 23.52 6.83 -14.92
H133 COA C . 23.84 7.99 -15.99
H141 COA C . 25.62 6.89 -12.71
H142 COA C . 26.51 6.69 -14.04
H143 COA C . 25.03 6.07 -13.95
H10 COA C . 25.62 9.37 -12.73
HO1 COA C . 23.57 10.61 -13.51
HN8 COA C . 22.44 10.23 -12.64
H71 COA C . 21.62 7.88 -11.34
H72 COA C . 20.68 8.71 -12.33
H61 COA C . 20.87 10.50 -10.64
H62 COA C . 21.32 9.29 -9.65
HN4 COA C . 19.80 7.26 -9.83
H31 COA C . 17.37 8.46 -9.07
H32 COA C . 18.09 7.33 -8.20
H21 COA C . 17.46 5.70 -9.61
H22 COA C . 17.13 6.74 -10.79
HS1 COA C . 14.90 5.83 -9.82
N1A COA D . -21.77 -14.57 -10.74
C2A COA D . -22.69 -14.72 -11.71
N3A COA D . -24.02 -14.58 -11.64
C4A COA D . -24.41 -14.24 -10.38
C5A COA D . -23.58 -14.05 -9.29
C6A COA D . -22.20 -14.23 -9.49
N6A COA D . -21.30 -14.10 -8.52
N7A COA D . -24.34 -13.70 -8.17
C8A COA D . -25.58 -13.69 -8.58
N9A COA D . -25.69 -14.00 -9.94
C1B COA D . -26.94 -14.09 -10.73
C2B COA D . -27.80 -15.32 -10.48
O2B COA D . -27.18 -16.48 -10.99
C3B COA D . -29.07 -14.87 -11.18
O3B COA D . -29.00 -15.14 -12.58
P3B COA D . -30.47 -15.58 -13.20
O7A COA D . -30.33 -15.58 -14.73
O8A COA D . -31.50 -14.56 -12.69
O9A COA D . -30.69 -16.99 -12.63
C4B COA D . -29.11 -13.35 -10.94
O4B COA D . -27.80 -13.02 -10.40
C5B COA D . -30.17 -12.88 -9.98
O5B COA D . -29.91 -13.50 -8.69
P1A COA D . -31.10 -14.15 -7.79
O1A COA D . -30.54 -15.39 -7.15
O2A COA D . -32.39 -14.20 -8.55
O3A COA D . -31.25 -12.99 -6.69
P2A COA D . -30.16 -12.69 -5.55
O4A COA D . -29.46 -13.96 -5.21
O5A COA D . -30.82 -11.89 -4.47
O6A COA D . -29.04 -11.92 -6.44
CBP COA D . -27.56 -10.01 -6.03
CCP COA D . -28.94 -10.48 -6.48
CDP COA D . -26.55 -10.09 -7.19
CEP COA D . -27.74 -8.53 -5.66
CAP COA D . -27.04 -10.82 -4.82
OAP COA D . -26.70 -12.15 -5.31
C9P COA D . -25.83 -10.33 -4.02
O9P COA D . -25.90 -9.38 -3.23
N8P COA D . -24.74 -11.06 -4.13
C7P COA D . -23.48 -10.73 -3.48
C6P COA D . -22.50 -10.33 -4.53
C5P COA D . -21.13 -10.14 -3.93
O5P COA D . -20.31 -11.07 -3.93
N4P COA D . -20.88 -8.95 -3.41
C3P COA D . -19.55 -8.53 -3.01
C2P COA D . -18.78 -8.06 -4.19
S1P COA D . -17.08 -7.78 -3.65
H2A COA D . -22.34 -14.97 -12.59
H61A COA D . -21.57 -13.87 -7.69
H62A COA D . -20.43 -14.25 -8.68
H8A COA D . -26.34 -13.47 -8.00
H1B COA D . -26.71 -14.05 -11.69
H2B COA D . -27.96 -15.42 -9.51
HO2A COA D . -27.66 -16.74 -11.81
H3B COA D . -29.87 -15.31 -10.77
H4B COA D . -29.23 -12.89 -11.80
H51A COA D . -31.07 -13.15 -10.32
H52A COA D . -30.14 -11.89 -9.89
H121 COA D . -29.63 -10.09 -5.89
H122 COA D . -29.13 -10.16 -7.41
H131 COA D . -25.72 -10.53 -6.87
H132 COA D . -26.34 -9.19 -7.53
H133 COA D . -26.94 -10.63 -7.93
H141 COA D . -27.82 -8.45 -4.68
H142 COA D . -28.57 -8.18 -6.08
H143 COA D . -26.96 -8.00 -5.97
H10 COA D . -27.79 -10.90 -4.19
HO1 COA D . -26.06 -12.37 -5.02
HN8 COA D . -24.77 -11.80 -4.64
H71 COA D . -23.15 -11.52 -2.99
H72 COA D . -23.62 -10.00 -2.84
H61 COA D . -22.79 -9.49 -4.95
H62 COA D . -22.46 -11.03 -5.23
HN4 COA D . -21.57 -8.37 -3.32
H31 COA D . -19.08 -9.28 -2.58
H32 COA D . -19.63 -7.78 -2.35
H21 COA D . -19.16 -7.23 -4.54
H22 COA D . -18.79 -8.75 -4.90
HS1 COA D . -16.65 -7.63 -4.68
#